data_7YJO
#
_entry.id   7YJO
#
_cell.length_a   1.00
_cell.length_b   1.00
_cell.length_c   1.00
_cell.angle_alpha   90.00
_cell.angle_beta   90.00
_cell.angle_gamma   90.00
#
_symmetry.space_group_name_H-M   'P 1'
#
loop_
_entity.id
_entity.type
_entity.pdbx_description
1 polymer atLCB1
2 polymer 'Long chain base biosynthesis protein 2a'
3 polymer 'ORMDL family protein'
4 polymer atLCB1
5 polymer 'Transmembrane protein, putative (DUF3317)'
6 non-polymer [3-HYDROXY-2-METHYL-5-PHOSPHONOOXYMETHYL-PYRIDIN-4-YLMETHYL]-SERINE
7 non-polymer N-[(2S,3R,4E)-1,3-dihydroxyoctadec-4-en-2-yl]tetracosanamide
#
loop_
_entity_poly.entity_id
_entity_poly.type
_entity_poly.pdbx_seq_one_letter_code
_entity_poly.pdbx_strand_id
1 'polypeptide(L)'
;PLTEQEIDELCDEWVPEPLIPPITEDMKHEPPVLESAAGPHTTVNGKDVVNFASANYLGLIGHEKLLESCTSALEKYGVG
SCGPRGFYGTIDVHLDCETRISKFLGTPDSILYSYGLSTMFSTIPCFCKKGDVIVADEGVHWGIQNGLQLSRSTIVYFKH
NDMESLRITLEKIMTKYKRSKNLRRYIVAEAVYQNSGQIAPLDEIVKLKEKYRFRVILDESNSFGVLGRSGRGLAEHHSV
PIEKIDVVTAAMGHALATEGGFCTGNARIIDYQRLSSSGYVFSASLPPYLASAAITAIDVIDQNPDMLVKLKQNVALLWK
GLSDIKGMSLTSNRESPIVFLKLEKSSGSAKDDLLLLEKMADRALKEDSLLVVSSKRSFLDKCRLPVGIKLYVSAGHSES
DLLKASESLKRLASELLLKS
;
A
2 'polypeptide(L)'
;MYLTAVSTYFSYGLLFAFGQLRDFFRRFIDWWFTSNLQGYAPICLGHEDFYIRRLYHRIQDCFERPISSAPDAWFDVVER
YSNDNNKTLKRTTKTSRCLNLGSYNYLGFGSFDEYCTPRVIESLKKFSASTCSSRVDAGTTSVHAELEECVTRFVGKPAA
VVFGMGYATNSAIIPVLIGKGGLIISDSLNHSSIVNGARGSGATIRVFQHNTPSHLERVLREQIAEGQPRTHRPWKKIIV
VVEGIYSMEGEICHLPEVVAICKKYKAYVYLDEAHSIGAIGKTGKGICELLGVDTADVDVMMGTFTKSFGSCGGYIAGSK
ELIQYLKHQCPAHLYATSIPTPSAQQIISAIKVILGEDGSNRGAQKLARIRENSNFFRAELQKMGFEVLGDNDSPVMPIM
LYNPAKIPAFSRECLRQKVAVVVVGFPATPLLLARARICISASHSREDLIRALKVISKVGDLSGIKYFPAEPKKIEQSKN
DIKLD
;
B
3 'polypeptide(L)'
;MANLYVKAVPPPDMNRNTEWFMYPGVWTTYMLILFFGWLVVLSVSGCSPGMAWTVVNLAHFVVTYHSFHWMKGTPFADDQ
GIYNGLTWWEQMDNGQQLTRNRKFLTLVPVVLYLIASHTTDYRHPWLFLNTLAVMVLVVAKFPNMHKVRIFGINGDK
;
D
4 'polypeptide(L)' MASNLVEMFNAALNWVTMILESPSARVVLFGVPIRGHFFVEGLLGVVIIILLTRKSYKPPKR E
5 'polypeptide(L)' MADYKDDDDKSGPDEVDASGRMNWVQRKIYLYNVTFGLYMLDWWERYLFNSLVVVLMWFVLYNGTRYFSELFQRHLT C
#
loop_
_chem_comp.id
_chem_comp.type
_chem_comp.name
_chem_comp.formula
PLS non-polymer [3-HYDROXY-2-METHYL-5-PHOSPHONOOXYMETHYL-PYRIDIN-4-YLMETHYL]-SERINE 'C11 H17 N2 O8 P'
Z1T non-polymer N-[(2S,3R,4E)-1,3-dihydroxyoctadec-4-en-2-yl]tetracosanamide 'C42 H83 N O3'
#
# COMPACT_ATOMS: atom_id res chain seq x y z
N PRO A 1 -12.88 31.75 -25.60
CA PRO A 1 -13.57 30.48 -25.33
C PRO A 1 -13.84 29.71 -26.61
N LEU A 2 -13.22 28.54 -26.74
CA LEU A 2 -13.31 27.76 -27.95
C LEU A 2 -14.73 27.29 -28.18
N THR A 3 -15.19 27.36 -29.43
CA THR A 3 -16.50 26.81 -29.72
C THR A 3 -16.40 25.29 -29.84
N GLU A 4 -17.55 24.64 -29.73
CA GLU A 4 -17.56 23.18 -29.66
C GLU A 4 -17.15 22.55 -30.98
N GLN A 5 -17.19 23.30 -32.08
CA GLN A 5 -16.77 22.76 -33.37
C GLN A 5 -15.26 22.79 -33.54
N GLU A 6 -14.58 23.76 -32.94
CA GLU A 6 -13.12 23.80 -33.04
C GLU A 6 -12.48 22.66 -32.27
N ILE A 7 -13.04 22.32 -31.10
CA ILE A 7 -12.51 21.22 -30.32
C ILE A 7 -12.62 19.89 -31.05
N ASP A 8 -13.65 19.70 -31.89
CA ASP A 8 -13.75 18.48 -32.67
C ASP A 8 -12.58 18.34 -33.64
N GLU A 9 -12.28 19.41 -34.39
CA GLU A 9 -11.14 19.37 -35.30
C GLU A 9 -9.84 19.20 -34.55
N LEU A 10 -9.70 19.87 -33.40
CA LEU A 10 -8.49 19.73 -32.60
C LEU A 10 -8.30 18.30 -32.13
N CYS A 11 -9.36 17.65 -31.67
CA CYS A 11 -9.29 16.26 -31.22
C CYS A 11 -9.06 15.30 -32.37
N ASP A 12 -9.49 15.64 -33.57
CA ASP A 12 -9.23 14.82 -34.74
C ASP A 12 -7.82 14.97 -35.29
N GLU A 13 -7.18 16.12 -35.10
CA GLU A 13 -5.82 16.31 -35.59
C GLU A 13 -4.76 15.62 -34.75
N TRP A 14 -5.03 15.38 -33.48
CA TRP A 14 -4.01 14.82 -32.60
C TRP A 14 -3.73 13.37 -32.96
N VAL A 15 -2.45 13.00 -32.97
CA VAL A 15 -2.01 11.66 -33.29
C VAL A 15 -1.03 11.21 -32.21
N PRO A 16 -1.24 10.07 -31.56
CA PRO A 16 -0.35 9.64 -30.49
C PRO A 16 0.78 8.74 -30.99
N GLU A 17 1.73 8.52 -30.12
CA GLU A 17 2.81 7.57 -30.32
C GLU A 17 2.36 6.16 -29.98
N PRO A 18 3.05 5.15 -30.50
CA PRO A 18 2.70 3.77 -30.15
C PRO A 18 2.90 3.47 -28.68
N LEU A 19 2.17 2.49 -28.18
CA LEU A 19 2.29 2.08 -26.79
C LEU A 19 3.70 1.59 -26.47
N ILE A 20 4.28 0.82 -27.38
CA ILE A 20 5.66 0.36 -27.22
C ILE A 20 6.42 0.62 -28.51
N PRO A 21 7.73 0.85 -28.44
CA PRO A 21 8.50 1.04 -29.66
C PRO A 21 8.69 -0.27 -30.41
N PRO A 22 9.12 -0.22 -31.66
CA PRO A 22 9.30 -1.45 -32.44
C PRO A 22 10.37 -2.37 -31.85
N ILE A 23 10.15 -3.67 -31.98
CA ILE A 23 11.03 -4.65 -31.37
C ILE A 23 12.14 -5.01 -32.35
N THR A 24 13.36 -4.60 -32.02
CA THR A 24 14.51 -4.87 -32.85
C THR A 24 15.00 -6.30 -32.65
N GLU A 25 15.83 -6.77 -33.58
CA GLU A 25 16.22 -8.16 -33.63
C GLU A 25 17.23 -8.55 -32.56
N ASP A 26 17.84 -7.59 -31.89
CA ASP A 26 18.84 -7.87 -30.87
C ASP A 26 18.26 -7.94 -29.47
N MET A 27 16.95 -7.79 -29.29
CA MET A 27 16.37 -7.79 -27.96
C MET A 27 15.21 -8.78 -27.90
N LYS A 28 15.42 -9.97 -28.46
CA LYS A 28 14.45 -11.05 -28.36
C LYS A 28 15.14 -12.39 -28.16
N HIS A 29 16.01 -12.41 -27.15
CA HIS A 29 16.74 -13.59 -26.74
C HIS A 29 15.96 -14.29 -25.63
N GLU A 30 16.32 -15.55 -25.36
CA GLU A 30 15.65 -16.34 -24.34
C GLU A 30 16.64 -16.93 -23.36
N PRO A 31 16.20 -17.16 -22.11
CA PRO A 31 17.08 -17.73 -21.09
C PRO A 31 16.94 -19.24 -21.05
N PRO A 32 17.82 -19.93 -20.31
CA PRO A 32 17.70 -21.39 -20.20
C PRO A 32 16.47 -21.82 -19.41
N VAL A 33 16.01 -23.03 -19.68
CA VAL A 33 14.87 -23.63 -19.00
C VAL A 33 15.38 -24.82 -18.20
N LEU A 34 15.25 -24.75 -16.88
CA LEU A 34 15.84 -25.76 -16.01
C LEU A 34 14.86 -26.90 -15.76
N GLU A 35 15.42 -28.00 -15.29
CA GLU A 35 14.62 -29.07 -14.71
C GLU A 35 15.26 -29.48 -13.39
N SER A 36 14.48 -30.11 -12.53
CA SER A 36 14.96 -30.94 -11.44
C SER A 36 15.49 -30.22 -10.20
N ALA A 37 15.83 -28.94 -10.29
CA ALA A 37 16.36 -28.19 -9.15
C ALA A 37 16.89 -26.84 -9.57
N ALA A 38 17.51 -26.14 -8.63
CA ALA A 38 18.33 -24.97 -8.95
C ALA A 38 19.59 -24.99 -8.11
N GLY A 39 20.03 -26.16 -7.69
CA GLY A 39 21.17 -26.27 -6.81
C GLY A 39 22.45 -26.09 -7.57
N PRO A 40 23.59 -26.40 -6.93
CA PRO A 40 24.87 -26.28 -7.63
C PRO A 40 24.97 -27.12 -8.88
N HIS A 41 24.31 -28.28 -8.92
CA HIS A 41 24.25 -29.14 -10.10
C HIS A 41 22.81 -29.24 -10.55
N THR A 42 22.42 -28.36 -11.46
CA THR A 42 21.08 -28.44 -12.01
C THR A 42 21.16 -29.15 -13.37
N THR A 43 20.06 -29.12 -14.12
CA THR A 43 19.94 -29.84 -15.39
C THR A 43 19.26 -28.96 -16.41
N VAL A 44 19.89 -28.76 -17.57
CA VAL A 44 19.34 -27.95 -18.63
C VAL A 44 19.38 -28.75 -19.92
N ASN A 45 18.24 -28.83 -20.60
CA ASN A 45 18.17 -29.38 -21.95
C ASN A 45 18.61 -30.83 -22.02
N GLY A 46 18.60 -31.52 -20.89
CA GLY A 46 19.04 -32.90 -20.83
C GLY A 46 20.51 -33.08 -20.53
N LYS A 47 21.29 -32.01 -20.50
CA LYS A 47 22.69 -32.04 -20.11
C LYS A 47 22.84 -31.59 -18.66
N ASP A 48 24.00 -31.87 -18.11
CA ASP A 48 24.31 -31.55 -16.72
C ASP A 48 25.18 -30.31 -16.66
N VAL A 49 24.72 -29.30 -15.93
CA VAL A 49 25.41 -28.02 -15.88
C VAL A 49 25.81 -27.72 -14.44
N VAL A 50 26.76 -26.80 -14.31
CA VAL A 50 27.22 -26.31 -13.02
C VAL A 50 26.69 -24.89 -12.87
N ASN A 51 25.96 -24.65 -11.79
CA ASN A 51 25.18 -23.44 -11.64
C ASN A 51 25.95 -22.42 -10.81
N PHE A 52 26.14 -21.23 -11.36
CA PHE A 52 26.74 -20.11 -10.65
C PHE A 52 25.86 -18.88 -10.73
N ALA A 53 24.54 -19.06 -10.90
CA ALA A 53 23.63 -17.94 -11.11
C ALA A 53 22.50 -17.88 -10.10
N SER A 54 22.46 -18.77 -9.11
CA SER A 54 21.47 -18.72 -8.03
C SER A 54 22.14 -18.27 -6.74
N ALA A 55 21.40 -17.50 -5.95
CA ALA A 55 21.96 -16.85 -4.77
C ALA A 55 21.67 -17.59 -3.49
N ASN A 56 21.70 -18.91 -3.49
CA ASN A 56 21.63 -19.66 -2.23
C ASN A 56 23.06 -19.85 -1.74
N TYR A 57 23.51 -18.92 -0.88
CA TYR A 57 24.90 -18.93 -0.45
C TYR A 57 25.18 -20.06 0.53
N LEU A 58 24.16 -20.54 1.25
CA LEU A 58 24.34 -21.59 2.24
C LEU A 58 24.13 -22.99 1.66
N GLY A 59 23.64 -23.12 0.44
CA GLY A 59 23.38 -24.43 -0.11
C GLY A 59 22.19 -25.13 0.53
N LEU A 60 21.08 -24.42 0.69
CA LEU A 60 19.91 -24.97 1.36
C LEU A 60 18.79 -25.40 0.41
N ILE A 61 18.91 -25.15 -0.88
CA ILE A 61 17.88 -25.61 -1.82
C ILE A 61 17.93 -27.13 -1.88
N GLY A 62 16.79 -27.77 -1.61
CA GLY A 62 16.73 -29.20 -1.64
C GLY A 62 17.09 -29.89 -0.34
N HIS A 63 17.13 -29.15 0.77
CA HIS A 63 17.44 -29.73 2.06
C HIS A 63 16.26 -30.55 2.55
N GLU A 64 16.57 -31.61 3.30
CA GLU A 64 15.55 -32.56 3.72
C GLU A 64 14.57 -31.94 4.70
N LYS A 65 15.07 -31.15 5.65
CA LYS A 65 14.23 -30.53 6.66
C LYS A 65 13.37 -29.41 6.09
N LEU A 66 13.71 -28.86 4.93
CA LEU A 66 12.84 -27.88 4.29
C LEU A 66 11.69 -28.54 3.54
N LEU A 67 11.97 -29.63 2.82
CA LEU A 67 10.89 -30.37 2.20
C LEU A 67 9.94 -30.93 3.24
N GLU A 68 10.48 -31.50 4.32
CA GLU A 68 9.64 -32.03 5.37
C GLU A 68 8.83 -30.96 6.08
N SER A 69 9.38 -29.76 6.22
CA SER A 69 8.63 -28.69 6.86
C SER A 69 7.55 -28.11 5.94
N CYS A 70 7.83 -28.00 4.64
CA CYS A 70 6.85 -27.46 3.71
C CYS A 70 5.71 -28.42 3.42
N THR A 71 5.97 -29.73 3.41
CA THR A 71 4.91 -30.69 3.15
C THR A 71 3.81 -30.62 4.20
N SER A 72 4.18 -30.54 5.48
CA SER A 72 3.19 -30.49 6.53
C SER A 72 2.36 -29.22 6.47
N ALA A 73 2.96 -28.08 6.13
CA ALA A 73 2.18 -26.87 5.98
C ALA A 73 1.26 -26.92 4.78
N LEU A 74 1.68 -27.58 3.69
CA LEU A 74 0.80 -27.71 2.53
C LEU A 74 -0.36 -28.66 2.80
N GLU A 75 -0.16 -29.68 3.62
CA GLU A 75 -1.25 -30.59 3.94
C GLU A 75 -2.22 -30.03 4.97
N LYS A 76 -1.89 -28.91 5.61
CA LYS A 76 -2.73 -28.37 6.66
C LYS A 76 -3.32 -27.01 6.34
N TYR A 77 -2.68 -26.21 5.52
CA TYR A 77 -3.18 -24.89 5.25
C TYR A 77 -3.59 -24.69 3.79
N GLY A 78 -3.08 -25.50 2.89
CA GLY A 78 -3.21 -25.24 1.47
C GLY A 78 -2.04 -24.43 0.95
N VAL A 79 -2.34 -23.58 -0.03
CA VAL A 79 -1.31 -22.81 -0.71
C VAL A 79 -1.44 -21.31 -0.49
N GLY A 80 -2.64 -20.78 -0.32
CA GLY A 80 -2.76 -19.34 -0.19
C GLY A 80 -3.41 -18.96 1.13
N SER A 81 -3.34 -17.67 1.43
CA SER A 81 -3.90 -17.14 2.66
C SER A 81 -5.19 -16.37 2.46
N CYS A 82 -5.49 -15.93 1.23
CA CYS A 82 -6.78 -15.35 0.84
C CYS A 82 -7.07 -14.05 1.60
N GLY A 83 -6.16 -13.09 1.47
CA GLY A 83 -6.40 -11.78 2.02
C GLY A 83 -5.22 -11.18 2.75
N PRO A 84 -5.31 -9.89 3.05
CA PRO A 84 -4.19 -9.20 3.70
C PRO A 84 -4.13 -9.45 5.20
N ARG A 85 -3.01 -9.04 5.78
CA ARG A 85 -2.76 -9.29 7.20
C ARG A 85 -3.77 -8.62 8.11
N GLY A 86 -4.52 -7.63 7.64
CA GLY A 86 -5.48 -6.94 8.47
C GLY A 86 -6.89 -7.49 8.39
N PHE A 87 -7.18 -8.39 7.46
CA PHE A 87 -8.48 -9.07 7.35
C PHE A 87 -8.23 -10.57 7.32
N TYR A 88 -8.13 -11.21 8.48
CA TYR A 88 -8.07 -12.67 8.58
C TYR A 88 -6.95 -13.30 7.75
N GLY A 89 -6.01 -12.51 7.25
CA GLY A 89 -4.87 -13.06 6.55
C GLY A 89 -3.68 -13.37 7.42
N THR A 90 -3.80 -13.21 8.72
CA THR A 90 -2.75 -13.54 9.68
C THR A 90 -2.92 -14.98 10.10
N ILE A 91 -2.11 -15.86 9.56
CA ILE A 91 -2.08 -17.24 10.03
C ILE A 91 -1.08 -17.26 11.19
N ASP A 92 -1.11 -18.29 12.03
CA ASP A 92 -0.27 -18.26 13.21
C ASP A 92 1.21 -18.53 12.89
N VAL A 93 1.51 -19.12 11.74
CA VAL A 93 2.91 -19.25 11.34
C VAL A 93 3.56 -17.91 11.04
N HIS A 94 2.82 -16.91 10.58
CA HIS A 94 3.41 -15.59 10.42
C HIS A 94 3.88 -15.04 11.76
N LEU A 95 3.07 -15.20 12.79
CA LEU A 95 3.43 -14.74 14.12
C LEU A 95 4.59 -15.53 14.71
N ASP A 96 4.71 -16.81 14.39
CA ASP A 96 5.87 -17.58 14.81
C ASP A 96 7.14 -17.19 14.07
N CYS A 97 7.05 -16.88 12.78
CA CYS A 97 8.23 -16.51 12.01
C CYS A 97 8.78 -15.16 12.42
N GLU A 98 7.93 -14.18 12.71
CA GLU A 98 8.46 -12.90 13.13
C GLU A 98 9.23 -13.01 14.45
N THR A 99 8.70 -13.77 15.41
CA THR A 99 9.40 -14.03 16.66
C THR A 99 10.72 -14.77 16.46
N ARG A 100 10.73 -15.79 15.60
CA ARG A 100 11.96 -16.51 15.34
C ARG A 100 13.03 -15.63 14.70
N ILE A 101 12.63 -14.74 13.80
CA ILE A 101 13.61 -13.84 13.20
C ILE A 101 14.19 -12.89 14.24
N SER A 102 13.35 -12.22 15.01
CA SER A 102 13.88 -11.23 15.94
C SER A 102 14.63 -11.86 17.11
N LYS A 103 14.37 -13.11 17.44
CA LYS A 103 15.20 -13.78 18.45
C LYS A 103 16.58 -14.13 17.92
N PHE A 104 16.69 -14.47 16.64
CA PHE A 104 17.97 -14.72 15.99
C PHE A 104 18.81 -13.45 15.94
N LEU A 105 18.19 -12.33 15.53
CA LEU A 105 18.97 -11.12 15.36
C LEU A 105 19.23 -10.40 16.68
N GLY A 106 18.29 -10.49 17.62
CA GLY A 106 18.47 -9.83 18.90
C GLY A 106 17.79 -8.49 18.98
N THR A 107 16.55 -8.42 18.53
CA THR A 107 15.79 -7.17 18.44
C THR A 107 14.44 -7.39 19.11
N PRO A 108 13.64 -6.33 19.32
CA PRO A 108 12.31 -6.53 19.90
C PRO A 108 11.25 -7.08 18.95
N ASP A 109 11.18 -6.59 17.70
CA ASP A 109 10.07 -6.95 16.85
C ASP A 109 10.50 -7.04 15.39
N SER A 110 9.70 -7.76 14.60
CA SER A 110 9.90 -7.96 13.17
C SER A 110 8.57 -7.84 12.44
N ILE A 111 8.65 -7.71 11.12
CA ILE A 111 7.47 -7.64 10.27
C ILE A 111 7.81 -8.34 8.95
N LEU A 112 6.84 -9.05 8.39
CA LEU A 112 7.05 -9.90 7.22
C LEU A 112 6.39 -9.30 5.98
N TYR A 113 6.97 -9.55 4.83
CA TYR A 113 6.46 -9.10 3.55
C TYR A 113 6.32 -10.28 2.61
N SER A 114 5.44 -10.15 1.62
CA SER A 114 5.17 -11.29 0.75
C SER A 114 6.08 -11.31 -0.48
N TYR A 115 6.72 -10.20 -0.79
CA TYR A 115 7.60 -10.09 -1.95
C TYR A 115 8.90 -9.48 -1.50
N GLY A 116 10.02 -10.08 -1.93
CA GLY A 116 11.31 -9.61 -1.47
C GLY A 116 11.70 -8.28 -2.04
N LEU A 117 11.15 -7.90 -3.18
CA LEU A 117 11.43 -6.62 -3.81
C LEU A 117 10.65 -5.48 -3.17
N SER A 118 9.50 -5.76 -2.59
CA SER A 118 8.63 -4.73 -2.06
C SER A 118 9.05 -4.22 -0.69
N THR A 119 9.97 -4.90 -0.02
CA THR A 119 10.34 -4.48 1.32
C THR A 119 11.14 -3.20 1.35
N MET A 120 11.62 -2.72 0.20
CA MET A 120 12.37 -1.48 0.16
C MET A 120 11.66 -0.35 -0.54
N PHE A 121 10.77 -0.62 -1.49
CA PHE A 121 9.98 0.48 -2.05
C PHE A 121 8.69 0.72 -1.30
N SER A 122 8.49 0.03 -0.18
CA SER A 122 7.39 0.39 0.71
C SER A 122 7.86 0.89 2.06
N THR A 123 9.09 0.60 2.47
CA THR A 123 9.65 1.07 3.72
C THR A 123 10.18 2.50 3.65
N ILE A 124 10.93 2.86 2.62
CA ILE A 124 11.51 4.21 2.52
C ILE A 124 10.41 5.26 2.42
N PRO A 125 9.38 5.11 1.59
CA PRO A 125 8.28 6.09 1.60
C PRO A 125 7.48 6.09 2.88
N CYS A 126 7.60 5.09 3.73
CA CYS A 126 6.89 5.06 4.99
C CYS A 126 7.51 5.99 6.03
N PHE A 127 8.80 6.28 5.94
CA PHE A 127 9.50 7.11 6.91
C PHE A 127 9.84 8.50 6.37
N CYS A 128 10.15 8.62 5.09
CA CYS A 128 10.62 9.86 4.52
C CYS A 128 9.52 10.55 3.74
N LYS A 129 9.34 11.85 4.00
CA LYS A 129 8.28 12.63 3.40
C LYS A 129 8.87 13.84 2.69
N LYS A 130 8.04 14.79 2.27
CA LYS A 130 8.49 15.79 1.32
C LYS A 130 9.59 16.70 1.84
N GLY A 131 9.55 17.12 3.10
CA GLY A 131 10.54 18.06 3.55
C GLY A 131 11.89 17.50 3.99
N ASP A 132 12.06 16.19 3.96
CA ASP A 132 13.21 15.54 4.58
C ASP A 132 14.42 15.53 3.65
N VAL A 133 15.52 14.99 4.16
CA VAL A 133 16.79 14.90 3.43
C VAL A 133 17.30 13.48 3.52
N ILE A 134 17.58 12.86 2.37
CA ILE A 134 18.13 11.51 2.32
C ILE A 134 19.48 11.56 1.63
N VAL A 135 20.43 10.81 2.14
CA VAL A 135 21.77 10.70 1.57
C VAL A 135 21.94 9.24 1.15
N ALA A 136 22.12 9.01 -0.14
CA ALA A 136 22.22 7.66 -0.67
C ALA A 136 23.57 7.45 -1.36
N ASP A 137 23.87 6.20 -1.71
CA ASP A 137 25.21 5.78 -2.07
C ASP A 137 25.52 5.84 -3.57
N GLU A 138 24.52 6.01 -4.41
CA GLU A 138 24.74 6.11 -5.85
C GLU A 138 24.86 4.74 -6.51
N GLY A 139 25.18 3.73 -5.71
CA GLY A 139 25.33 2.37 -6.18
C GLY A 139 24.16 1.51 -5.80
N VAL A 140 23.11 2.06 -5.21
CA VAL A 140 21.98 1.28 -4.75
C VAL A 140 21.21 0.73 -5.94
N HIS A 141 20.55 -0.40 -5.73
CA HIS A 141 19.86 -1.09 -6.82
C HIS A 141 18.48 -0.48 -7.05
N TRP A 142 17.77 -1.01 -8.05
CA TRP A 142 16.58 -0.34 -8.52
C TRP A 142 15.47 -0.29 -7.46
N GLY A 143 15.38 -1.29 -6.60
CA GLY A 143 14.34 -1.29 -5.59
C GLY A 143 14.45 -0.14 -4.61
N ILE A 144 15.69 0.23 -4.25
CA ILE A 144 15.91 1.37 -3.38
C ILE A 144 15.62 2.68 -4.08
N GLN A 145 16.02 2.83 -5.34
CA GLN A 145 15.79 4.10 -6.00
C GLN A 145 14.34 4.33 -6.38
N ASN A 146 13.57 3.26 -6.60
CA ASN A 146 12.14 3.46 -6.75
C ASN A 146 11.49 4.00 -5.47
N GLY A 147 11.86 3.45 -4.30
CA GLY A 147 11.38 3.99 -3.05
C GLY A 147 11.87 5.40 -2.77
N LEU A 148 13.09 5.74 -3.22
CA LEU A 148 13.57 7.11 -3.10
C LEU A 148 12.74 8.08 -3.92
N GLN A 149 12.36 7.69 -5.14
CA GLN A 149 11.55 8.55 -5.98
C GLN A 149 10.12 8.66 -5.49
N LEU A 150 9.56 7.60 -4.90
CA LEU A 150 8.17 7.67 -4.42
C LEU A 150 8.04 8.55 -3.17
N SER A 151 9.08 8.65 -2.37
CA SER A 151 9.07 9.58 -1.23
C SER A 151 9.59 10.90 -1.74
N ARG A 152 8.80 11.95 -1.60
CA ARG A 152 9.06 13.18 -2.32
C ARG A 152 10.17 14.02 -1.73
N SER A 153 11.06 13.41 -0.95
CA SER A 153 12.10 14.13 -0.24
C SER A 153 13.28 14.47 -1.17
N THR A 154 14.25 15.19 -0.62
CA THR A 154 15.42 15.64 -1.37
C THR A 154 16.51 14.58 -1.29
N ILE A 155 17.04 14.17 -2.43
CA ILE A 155 18.03 13.10 -2.48
C ILE A 155 19.37 13.66 -2.92
N VAL A 156 20.40 13.38 -2.13
CA VAL A 156 21.79 13.74 -2.41
C VAL A 156 22.58 12.45 -2.47
N TYR A 157 23.54 12.37 -3.38
CA TYR A 157 24.31 11.16 -3.59
C TYR A 157 25.77 11.38 -3.26
N PHE A 158 26.42 10.33 -2.78
CA PHE A 158 27.86 10.35 -2.55
C PHE A 158 28.49 9.18 -3.28
N LYS A 159 29.79 9.28 -3.54
CA LYS A 159 30.45 8.29 -4.38
C LYS A 159 30.46 6.92 -3.73
N HIS A 160 30.62 5.89 -4.57
CA HIS A 160 30.47 4.51 -4.16
C HIS A 160 31.50 4.07 -3.13
N ASN A 161 31.04 3.82 -1.90
CA ASN A 161 31.87 3.32 -0.79
C ASN A 161 33.02 4.24 -0.45
N ASP A 162 32.82 5.54 -0.54
CA ASP A 162 33.88 6.53 -0.33
C ASP A 162 33.50 7.36 0.89
N MET A 163 34.26 7.21 1.97
CA MET A 163 33.86 7.86 3.22
C MET A 163 34.27 9.31 3.29
N GLU A 164 35.30 9.72 2.55
CA GLU A 164 35.61 11.14 2.48
C GLU A 164 34.48 11.91 1.80
N SER A 165 33.95 11.35 0.70
CA SER A 165 32.81 11.94 0.03
C SER A 165 31.59 12.01 0.94
N LEU A 166 31.36 10.98 1.74
CA LEU A 166 30.22 11.02 2.66
C LEU A 166 30.39 12.09 3.72
N ARG A 167 31.59 12.23 4.29
CA ARG A 167 31.80 13.27 5.28
C ARG A 167 31.63 14.67 4.69
N ILE A 168 32.17 14.89 3.49
CA ILE A 168 31.99 16.17 2.82
C ILE A 168 30.51 16.47 2.62
N THR A 169 29.75 15.50 2.12
CA THR A 169 28.33 15.71 1.87
C THR A 169 27.55 15.98 3.15
N LEU A 170 27.85 15.26 4.23
CA LEU A 170 27.14 15.51 5.48
C LEU A 170 27.42 16.90 6.04
N GLU A 171 28.69 17.35 6.02
CA GLU A 171 28.98 18.72 6.43
C GLU A 171 28.26 19.73 5.56
N LYS A 172 28.20 19.49 4.26
CA LYS A 172 27.51 20.40 3.38
C LYS A 172 26.02 20.51 3.70
N ILE A 173 25.38 19.38 3.99
CA ILE A 173 23.97 19.42 4.38
C ILE A 173 23.79 20.12 5.72
N MET A 174 24.74 19.98 6.63
CA MET A 174 24.60 20.55 7.97
C MET A 174 25.11 21.99 8.03
N THR A 175 25.01 22.67 6.89
CA THR A 175 25.22 24.10 6.80
C THR A 175 24.07 24.76 6.04
N LYS A 176 23.52 24.05 5.07
CA LYS A 176 22.39 24.57 4.30
C LYS A 176 21.12 24.63 5.12
N TYR A 177 20.92 23.66 6.03
CA TYR A 177 19.70 23.59 6.82
C TYR A 177 20.03 23.84 8.27
N LYS A 178 20.93 24.79 8.53
CA LYS A 178 21.28 25.15 9.90
C LYS A 178 20.16 25.92 10.59
N ARG A 179 19.24 26.48 9.82
CA ARG A 179 18.14 27.26 10.38
C ARG A 179 17.14 26.36 11.09
N SER A 180 16.48 25.47 10.35
CA SER A 180 15.47 24.59 10.93
C SER A 180 16.16 23.38 11.53
N LYS A 181 16.23 23.33 12.87
CA LYS A 181 16.94 22.25 13.55
C LYS A 181 16.10 21.00 13.72
N ASN A 182 14.79 21.08 13.51
CA ASN A 182 13.94 19.89 13.58
C ASN A 182 13.76 19.31 12.17
N LEU A 183 14.85 18.80 11.63
CA LEU A 183 14.90 18.24 10.30
C LEU A 183 15.07 16.73 10.37
N ARG A 184 14.28 16.00 9.59
CA ARG A 184 14.43 14.55 9.49
C ARG A 184 15.49 14.22 8.45
N ARG A 185 16.45 13.40 8.85
CA ARG A 185 17.61 13.08 8.03
C ARG A 185 17.88 11.59 8.04
N TYR A 186 18.16 11.02 6.88
CA TYR A 186 18.41 9.58 6.79
C TYR A 186 19.61 9.32 5.91
N ILE A 187 20.32 8.23 6.20
CA ILE A 187 21.38 7.71 5.35
C ILE A 187 20.93 6.34 4.85
N VAL A 188 20.99 6.12 3.55
CA VAL A 188 20.56 4.87 2.94
C VAL A 188 21.78 4.19 2.34
N ALA A 189 21.99 2.94 2.72
CA ALA A 189 23.12 2.17 2.21
C ALA A 189 22.72 0.72 1.99
N GLU A 190 23.69 -0.16 1.83
CA GLU A 190 23.44 -1.54 1.45
C GLU A 190 24.64 -2.36 1.87
N ALA A 191 24.38 -3.49 2.54
CA ALA A 191 25.45 -4.20 3.23
C ALA A 191 26.49 -4.75 2.24
N VAL A 192 26.05 -5.48 1.23
CA VAL A 192 26.91 -5.95 0.15
C VAL A 192 26.21 -5.55 -1.15
N TYR A 193 26.90 -4.81 -1.99
CA TYR A 193 26.24 -4.23 -3.16
C TYR A 193 26.07 -5.26 -4.27
N GLN A 194 24.85 -5.32 -4.79
CA GLN A 194 24.46 -6.26 -5.83
C GLN A 194 25.10 -5.92 -7.17
N ASN A 195 25.39 -4.65 -7.41
CA ASN A 195 25.91 -4.16 -8.67
C ASN A 195 27.43 -4.04 -8.69
N SER A 196 28.09 -4.27 -7.56
CA SER A 196 29.55 -4.19 -7.54
C SER A 196 30.19 -5.29 -6.72
N GLY A 197 29.43 -5.90 -5.81
CA GLY A 197 29.99 -6.87 -4.91
C GLY A 197 30.95 -6.33 -3.90
N GLN A 198 30.68 -5.16 -3.34
CA GLN A 198 31.54 -4.52 -2.36
C GLN A 198 30.82 -4.34 -1.03
N ILE A 199 31.59 -4.28 0.03
CA ILE A 199 31.06 -4.33 1.39
C ILE A 199 31.15 -2.94 2.01
N ALA A 200 30.05 -2.48 2.55
CA ALA A 200 29.97 -1.16 3.16
C ALA A 200 30.84 -1.08 4.41
N PRO A 201 31.57 0.01 4.59
CA PRO A 201 32.40 0.15 5.79
C PRO A 201 31.62 0.70 6.97
N LEU A 202 30.91 -0.18 7.67
CA LEU A 202 29.87 0.22 8.60
C LEU A 202 30.39 0.88 9.86
N ASP A 203 31.59 0.52 10.33
CA ASP A 203 32.09 1.10 11.57
C ASP A 203 32.37 2.58 11.44
N GLU A 204 32.50 3.11 10.22
CA GLU A 204 32.72 4.52 10.00
C GLU A 204 31.44 5.28 9.70
N ILE A 205 30.48 4.66 9.00
CA ILE A 205 29.16 5.24 8.85
C ILE A 205 28.50 5.48 10.20
N VAL A 206 28.69 4.56 11.15
CA VAL A 206 28.15 4.74 12.49
C VAL A 206 28.82 5.87 13.26
N LYS A 207 30.10 6.09 13.02
CA LYS A 207 30.79 7.20 13.68
C LYS A 207 30.32 8.53 13.09
N LEU A 208 30.10 8.55 11.78
CA LEU A 208 29.65 9.77 11.12
C LEU A 208 28.20 10.10 11.40
N LYS A 209 27.33 9.11 11.55
CA LYS A 209 25.93 9.37 11.86
C LYS A 209 25.72 9.91 13.26
N GLU A 210 26.60 9.57 14.20
CA GLU A 210 26.48 10.01 15.58
C GLU A 210 27.03 11.42 15.77
N LYS A 211 27.66 11.95 14.73
CA LYS A 211 28.25 13.27 14.77
C LYS A 211 27.30 14.34 14.23
N TYR A 212 26.49 14.00 13.24
CA TYR A 212 25.56 14.93 12.64
C TYR A 212 24.12 14.55 12.90
N ARG A 213 23.86 13.54 13.72
CA ARG A 213 22.52 13.11 14.10
C ARG A 213 21.71 12.65 12.90
N PHE A 214 22.20 11.61 12.24
CA PHE A 214 21.49 10.99 11.13
C PHE A 214 20.99 9.62 11.55
N ARG A 215 20.09 9.08 10.76
CA ARG A 215 19.56 7.74 10.97
C ARG A 215 19.87 6.88 9.76
N VAL A 216 20.19 5.61 9.99
CA VAL A 216 20.63 4.71 8.93
C VAL A 216 19.52 3.74 8.60
N ILE A 217 19.30 3.52 7.31
CA ILE A 217 18.46 2.45 6.80
C ILE A 217 19.38 1.52 6.03
N LEU A 218 19.44 0.26 6.43
CA LEU A 218 20.38 -0.69 5.86
C LEU A 218 19.66 -1.86 5.19
N ASP A 219 20.15 -2.27 4.04
CA ASP A 219 19.61 -3.39 3.28
C ASP A 219 20.58 -4.56 3.37
N GLU A 220 20.25 -5.54 4.21
CA GLU A 220 21.11 -6.68 4.45
C GLU A 220 20.66 -7.94 3.74
N SER A 221 20.52 -7.92 2.42
CA SER A 221 20.09 -9.15 1.77
C SER A 221 21.24 -10.09 1.48
N ASN A 222 22.39 -9.57 1.05
CA ASN A 222 23.52 -10.40 0.67
C ASN A 222 24.51 -10.56 1.82
N SER A 223 24.16 -10.13 3.00
CA SER A 223 25.02 -10.29 4.17
C SER A 223 24.36 -11.11 5.27
N PHE A 224 23.04 -11.00 5.43
CA PHE A 224 22.30 -11.80 6.40
C PHE A 224 22.56 -13.28 6.18
N GLY A 225 23.15 -13.94 7.17
CA GLY A 225 23.38 -15.36 7.08
C GLY A 225 24.68 -15.79 6.45
N VAL A 226 25.54 -14.86 6.04
CA VAL A 226 26.78 -15.27 5.39
C VAL A 226 28.00 -14.60 6.01
N LEU A 227 27.81 -13.44 6.63
CA LEU A 227 28.94 -12.53 6.75
C LEU A 227 29.53 -12.45 8.15
N GLY A 228 28.73 -12.69 9.17
CA GLY A 228 29.28 -12.75 10.51
C GLY A 228 30.01 -14.04 10.75
N ARG A 229 30.50 -14.17 11.98
CA ARG A 229 31.15 -15.39 12.44
C ARG A 229 30.05 -16.40 12.74
N SER A 230 28.94 -15.92 13.28
CA SER A 230 27.79 -16.76 13.57
C SER A 230 26.62 -16.52 12.62
N GLY A 231 26.78 -15.66 11.64
CA GLY A 231 25.78 -15.47 10.60
C GLY A 231 24.86 -14.30 10.77
N ARG A 232 25.05 -13.47 11.78
CA ARG A 232 24.11 -12.42 12.09
C ARG A 232 24.36 -11.13 11.32
N GLY A 233 25.04 -11.20 10.19
CA GLY A 233 25.11 -10.07 9.28
C GLY A 233 26.40 -9.29 9.35
N LEU A 234 26.32 -8.05 8.87
CA LEU A 234 27.47 -7.15 8.81
C LEU A 234 27.79 -6.51 10.14
N ALA A 235 26.78 -6.33 10.99
CA ALA A 235 27.00 -5.64 12.26
C ALA A 235 27.99 -6.40 13.14
N GLU A 236 27.87 -7.73 13.21
CA GLU A 236 28.84 -8.48 13.99
C GLU A 236 30.11 -8.78 13.21
N HIS A 237 30.12 -8.52 11.90
CA HIS A 237 31.34 -8.55 11.12
C HIS A 237 32.24 -7.36 11.42
N HIS A 238 31.65 -6.19 11.65
CA HIS A 238 32.39 -5.00 12.04
C HIS A 238 32.34 -4.75 13.54
N SER A 239 31.65 -5.60 14.31
CA SER A 239 31.54 -5.48 15.76
C SER A 239 30.87 -4.18 16.19
N VAL A 240 29.70 -3.90 15.62
CA VAL A 240 28.89 -2.78 16.08
C VAL A 240 27.59 -3.35 16.63
N PRO A 241 27.05 -2.79 17.71
CA PRO A 241 25.78 -3.29 18.24
C PRO A 241 24.64 -3.07 17.28
N ILE A 242 23.71 -4.02 17.23
CA ILE A 242 22.62 -3.93 16.27
C ILE A 242 21.70 -2.75 16.57
N GLU A 243 21.73 -2.27 17.80
CA GLU A 243 20.86 -1.17 18.24
C GLU A 243 21.17 0.19 17.60
N LYS A 244 22.39 0.34 17.08
CA LYS A 244 22.79 1.59 16.45
C LYS A 244 22.26 1.74 15.04
N ILE A 245 21.81 0.66 14.41
CA ILE A 245 21.18 0.71 13.11
C ILE A 245 19.69 0.84 13.36
N ASP A 246 19.05 1.78 12.68
CA ASP A 246 17.66 2.11 13.00
C ASP A 246 16.66 1.21 12.29
N VAL A 247 16.86 0.95 11.01
CA VAL A 247 16.00 0.04 10.26
C VAL A 247 16.89 -0.96 9.53
N VAL A 248 16.56 -2.24 9.65
CA VAL A 248 17.28 -3.28 8.93
C VAL A 248 16.29 -4.10 8.12
N THR A 249 16.50 -4.19 6.82
CA THR A 249 15.63 -4.97 5.96
C THR A 249 16.42 -6.08 5.27
N ALA A 250 15.71 -7.12 4.85
CA ALA A 250 16.35 -8.19 4.12
C ALA A 250 15.32 -8.89 3.25
N ALA A 251 15.82 -9.67 2.30
CA ALA A 251 15.02 -10.48 1.41
C ALA A 251 15.35 -11.94 1.69
N MET A 252 14.34 -12.80 1.64
CA MET A 252 14.53 -14.20 1.96
C MET A 252 14.78 -15.06 0.74
N GLY A 253 14.97 -14.47 -0.42
CA GLY A 253 15.36 -15.23 -1.59
C GLY A 253 16.83 -15.55 -1.69
N HIS A 254 17.64 -15.07 -0.75
CA HIS A 254 19.08 -15.34 -0.71
C HIS A 254 19.36 -16.09 0.58
N ALA A 255 19.99 -17.25 0.46
CA ALA A 255 20.58 -17.97 1.58
C ALA A 255 19.56 -18.57 2.54
N LEU A 256 18.29 -18.18 2.46
CA LEU A 256 17.24 -18.87 3.18
C LEU A 256 16.41 -19.74 2.26
N ALA A 257 16.54 -19.58 0.93
CA ALA A 257 15.90 -20.45 -0.05
C ALA A 257 14.39 -20.39 0.06
N THR A 258 13.84 -19.16 0.05
CA THR A 258 12.42 -18.97 0.27
C THR A 258 12.00 -17.80 -0.59
N GLU A 259 10.90 -17.13 -0.23
CA GLU A 259 10.51 -15.87 -0.85
C GLU A 259 9.96 -14.99 0.26
N GLY A 260 10.01 -13.69 0.06
CA GLY A 260 9.56 -12.74 1.04
C GLY A 260 10.69 -11.86 1.53
N GLY A 261 10.33 -10.95 2.42
CA GLY A 261 11.31 -10.14 3.10
C GLY A 261 10.82 -9.72 4.46
N PHE A 262 11.73 -9.23 5.27
CA PHE A 262 11.37 -8.72 6.58
C PHE A 262 12.03 -7.39 6.85
N CYS A 263 11.62 -6.78 7.94
CA CYS A 263 12.19 -5.55 8.47
C CYS A 263 12.28 -5.71 9.97
N THR A 264 13.25 -5.06 10.61
CA THR A 264 13.48 -5.28 12.03
C THR A 264 13.98 -4.00 12.69
N GLY A 265 13.58 -3.79 13.93
CA GLY A 265 13.98 -2.60 14.69
C GLY A 265 13.25 -2.52 16.02
N ASN A 266 12.93 -1.30 16.43
CA ASN A 266 12.21 -1.02 17.67
C ASN A 266 10.81 -1.58 17.62
N ALA A 267 10.16 -1.60 18.79
CA ALA A 267 8.74 -1.83 18.84
C ALA A 267 7.94 -0.63 18.39
N ARG A 268 8.51 0.57 18.47
CA ARG A 268 7.84 1.78 18.02
C ARG A 268 7.80 1.91 16.50
N ILE A 269 8.91 1.61 15.83
CA ILE A 269 9.01 1.68 14.38
C ILE A 269 8.24 0.57 13.70
N ILE A 270 8.30 -0.66 14.22
CA ILE A 270 7.63 -1.78 13.57
C ILE A 270 6.12 -1.62 13.66
N ASP A 271 5.61 -1.04 14.74
CA ASP A 271 4.19 -0.84 14.94
C ASP A 271 3.63 0.28 14.07
N TYR A 272 4.47 1.19 13.62
CA TYR A 272 4.05 2.23 12.70
C TYR A 272 4.00 1.73 11.27
N GLN A 273 4.87 0.80 10.90
CA GLN A 273 4.86 0.20 9.57
C GLN A 273 3.66 -0.70 9.36
N ARG A 274 3.13 -1.30 10.41
CA ARG A 274 1.99 -2.20 10.26
C ARG A 274 0.73 -1.48 9.87
N LEU A 275 0.68 -0.16 10.06
CA LEU A 275 -0.56 0.56 9.83
C LEU A 275 -0.47 1.52 8.66
N SER A 276 0.71 1.97 8.29
CA SER A 276 0.82 2.84 7.14
C SER A 276 2.03 2.38 6.32
N SER A 277 1.80 1.39 5.48
CA SER A 277 2.82 0.92 4.55
C SER A 277 2.08 0.67 3.25
N SER A 278 2.66 -0.02 2.28
CA SER A 278 1.86 -0.24 1.08
C SER A 278 1.85 -1.69 0.63
N GLY A 279 3.00 -2.35 0.70
CA GLY A 279 3.06 -3.76 0.42
C GLY A 279 2.68 -4.61 1.59
N TYR A 280 2.31 -4.00 2.70
CA TYR A 280 1.80 -4.72 3.85
C TYR A 280 0.31 -4.53 4.06
N VAL A 281 -0.24 -3.36 3.77
CA VAL A 281 -1.65 -3.12 4.02
C VAL A 281 -2.53 -3.36 2.79
N PHE A 282 -1.99 -3.21 1.57
CA PHE A 282 -2.78 -3.37 0.37
C PHE A 282 -2.32 -4.56 -0.47
N SER A 283 -1.76 -5.58 0.17
CA SER A 283 -1.35 -6.78 -0.54
C SER A 283 -1.66 -7.99 0.31
N ALA A 284 -1.79 -9.14 -0.34
CA ALA A 284 -2.03 -10.39 0.36
C ALA A 284 -0.80 -10.81 1.13
N SER A 285 -1.01 -11.63 2.16
CA SER A 285 0.08 -12.04 3.03
C SER A 285 0.77 -13.28 2.49
N LEU A 286 1.93 -13.56 3.06
CA LEU A 286 2.79 -14.62 2.56
C LEU A 286 2.08 -15.97 2.66
N PRO A 287 2.16 -16.82 1.65
CA PRO A 287 1.64 -18.18 1.78
C PRO A 287 2.29 -18.88 2.94
N PRO A 288 1.53 -19.60 3.75
CA PRO A 288 2.09 -20.20 4.96
C PRO A 288 3.24 -21.17 4.74
N TYR A 289 3.23 -21.94 3.65
CA TYR A 289 4.31 -22.89 3.45
C TYR A 289 5.65 -22.23 3.17
N LEU A 290 5.64 -20.98 2.72
CA LEU A 290 6.88 -20.24 2.57
C LEU A 290 7.40 -19.73 3.91
N ALA A 291 6.52 -19.28 4.80
CA ALA A 291 6.91 -18.90 6.15
C ALA A 291 7.31 -20.09 7.01
N SER A 292 6.81 -21.28 6.71
CA SER A 292 7.18 -22.45 7.48
C SER A 292 8.55 -23.00 7.09
N ALA A 293 9.09 -22.59 5.95
CA ALA A 293 10.43 -22.97 5.56
C ALA A 293 11.48 -22.02 6.10
N ALA A 294 11.13 -20.75 6.26
CA ALA A 294 12.06 -19.79 6.86
C ALA A 294 12.39 -20.16 8.29
N ILE A 295 11.40 -20.63 9.06
CA ILE A 295 11.66 -21.02 10.44
C ILE A 295 12.67 -22.15 10.50
N THR A 296 12.51 -23.17 9.66
CA THR A 296 13.45 -24.29 9.63
C THR A 296 14.82 -23.88 9.12
N ALA A 297 14.90 -23.00 8.13
CA ALA A 297 16.19 -22.53 7.67
C ALA A 297 16.93 -21.73 8.74
N ILE A 298 16.25 -20.87 9.47
CA ILE A 298 16.91 -20.11 10.52
C ILE A 298 17.42 -21.03 11.63
N ASP A 299 16.72 -22.11 11.92
CA ASP A 299 17.23 -23.12 12.83
C ASP A 299 18.45 -23.84 12.30
N VAL A 300 18.44 -24.26 11.04
CA VAL A 300 19.58 -24.98 10.48
C VAL A 300 20.82 -24.10 10.45
N ILE A 301 20.68 -22.83 10.07
CA ILE A 301 21.82 -21.91 10.12
C ILE A 301 22.34 -21.76 11.54
N ASP A 302 21.44 -21.59 12.51
CA ASP A 302 21.79 -21.40 13.91
C ASP A 302 22.43 -22.63 14.55
N GLN A 303 22.26 -23.82 13.99
CA GLN A 303 22.88 -25.00 14.57
C GLN A 303 24.16 -25.44 13.87
N ASN A 304 24.39 -24.99 12.65
CA ASN A 304 25.52 -25.45 11.83
C ASN A 304 26.32 -24.24 11.37
N PRO A 305 27.29 -23.76 12.16
CA PRO A 305 28.06 -22.59 11.78
C PRO A 305 29.35 -22.88 11.00
N ASP A 306 29.60 -24.11 10.59
CA ASP A 306 30.72 -24.41 9.72
C ASP A 306 30.39 -24.24 8.24
N MET A 307 29.10 -24.10 7.90
CA MET A 307 28.75 -23.70 6.54
C MET A 307 29.34 -22.35 6.20
N LEU A 308 29.29 -21.41 7.13
CA LEU A 308 29.83 -20.09 6.91
C LEU A 308 31.33 -20.09 6.84
N VAL A 309 31.99 -21.07 7.43
CA VAL A 309 33.42 -21.26 7.24
C VAL A 309 33.72 -21.83 5.87
N LYS A 310 32.95 -22.78 5.40
CA LYS A 310 33.14 -23.37 4.08
C LYS A 310 32.89 -22.39 2.93
N LEU A 311 31.93 -21.49 3.08
CA LEU A 311 31.68 -20.50 2.04
C LEU A 311 32.90 -19.61 1.80
N LYS A 312 33.56 -19.18 2.87
CA LYS A 312 34.76 -18.33 2.74
C LYS A 312 35.89 -19.06 2.03
N GLN A 313 36.10 -20.33 2.34
CA GLN A 313 37.12 -21.11 1.64
C GLN A 313 36.80 -21.24 0.16
N ASN A 314 35.53 -21.47 -0.19
CA ASN A 314 35.18 -21.54 -1.61
C ASN A 314 35.48 -20.22 -2.32
N VAL A 315 35.12 -19.09 -1.71
CA VAL A 315 35.39 -17.80 -2.34
C VAL A 315 36.89 -17.57 -2.51
N ALA A 316 37.68 -17.83 -1.47
CA ALA A 316 39.13 -17.67 -1.58
C ALA A 316 39.73 -18.58 -2.63
N LEU A 317 39.23 -19.80 -2.78
CA LEU A 317 39.75 -20.70 -3.79
C LEU A 317 39.43 -20.21 -5.20
N LEU A 318 38.24 -19.66 -5.41
CA LEU A 318 37.93 -19.12 -6.74
C LEU A 318 38.77 -17.89 -7.09
N TRP A 319 39.14 -17.11 -6.07
CA TRP A 319 40.03 -15.99 -6.25
C TRP A 319 41.43 -16.50 -6.58
N LYS A 320 41.88 -17.58 -5.92
CA LYS A 320 43.20 -18.09 -6.21
C LYS A 320 43.30 -18.65 -7.62
N GLY A 321 42.22 -19.27 -8.10
CA GLY A 321 42.26 -19.86 -9.42
C GLY A 321 41.89 -18.96 -10.58
N LEU A 322 41.65 -17.67 -10.33
CA LEU A 322 41.10 -16.80 -11.36
C LEU A 322 41.89 -15.50 -11.45
N SER A 323 43.10 -15.49 -10.93
CA SER A 323 43.87 -14.26 -10.81
C SER A 323 44.75 -13.98 -12.01
N ASP A 324 44.81 -14.88 -12.99
CA ASP A 324 45.60 -14.69 -14.20
C ASP A 324 44.75 -14.34 -15.39
N ILE A 325 43.56 -13.80 -15.18
CA ILE A 325 42.63 -13.44 -16.23
C ILE A 325 43.28 -12.34 -17.07
N LYS A 326 43.00 -12.29 -18.37
CA LYS A 326 43.69 -11.35 -19.25
C LYS A 326 42.92 -10.05 -19.47
N GLY A 327 41.75 -10.13 -20.07
CA GLY A 327 41.08 -8.90 -20.40
C GLY A 327 40.17 -8.36 -19.34
N MET A 328 40.14 -8.97 -18.17
CA MET A 328 39.21 -8.64 -17.11
C MET A 328 39.99 -8.31 -15.85
N SER A 329 39.28 -7.83 -14.82
CA SER A 329 39.90 -7.55 -13.54
C SER A 329 38.87 -7.76 -12.43
N LEU A 330 39.28 -8.42 -11.36
CA LEU A 330 38.41 -8.63 -10.21
C LEU A 330 38.24 -7.33 -9.44
N THR A 331 37.01 -6.85 -9.32
CA THR A 331 36.75 -5.59 -8.63
C THR A 331 35.78 -5.75 -7.47
N SER A 332 35.75 -6.91 -6.85
CA SER A 332 34.89 -7.16 -5.71
C SER A 332 35.73 -7.34 -4.45
N ASN A 333 35.07 -7.25 -3.31
CA ASN A 333 35.75 -7.48 -2.05
C ASN A 333 36.06 -8.96 -1.87
N ARG A 334 37.10 -9.23 -1.12
CA ARG A 334 37.66 -10.57 -0.97
C ARG A 334 36.83 -11.46 -0.07
N GLU A 335 35.86 -10.93 0.65
CA GLU A 335 34.98 -11.71 1.52
C GLU A 335 33.64 -12.01 0.91
N SER A 336 33.15 -11.15 0.02
CA SER A 336 31.77 -11.26 -0.43
C SER A 336 31.60 -12.47 -1.34
N PRO A 337 30.44 -13.11 -1.30
CA PRO A 337 30.19 -14.26 -2.18
C PRO A 337 29.73 -13.89 -3.59
N ILE A 338 29.68 -12.61 -3.93
CA ILE A 338 29.40 -12.16 -5.30
C ILE A 338 30.70 -11.77 -5.94
N VAL A 339 31.28 -12.66 -6.75
CA VAL A 339 32.50 -12.37 -7.48
C VAL A 339 32.15 -11.58 -8.73
N PHE A 340 32.77 -10.42 -8.89
CA PHE A 340 32.41 -9.48 -9.94
C PHE A 340 33.61 -9.25 -10.85
N LEU A 341 33.52 -9.71 -12.09
CA LEU A 341 34.58 -9.51 -13.06
C LEU A 341 34.26 -8.30 -13.94
N LYS A 342 35.22 -7.41 -14.09
CA LYS A 342 35.04 -6.18 -14.82
C LYS A 342 35.65 -6.34 -16.21
N LEU A 343 35.42 -5.36 -17.08
CA LEU A 343 35.95 -5.36 -18.44
C LEU A 343 36.91 -4.20 -18.57
N GLU A 344 38.21 -4.48 -18.60
CA GLU A 344 39.19 -3.41 -18.73
C GLU A 344 39.33 -3.02 -20.20
N LYS A 345 39.60 -1.74 -20.43
CA LYS A 345 39.62 -1.14 -21.77
C LYS A 345 38.37 -1.52 -22.55
N SER A 346 37.24 -0.95 -22.14
CA SER A 346 35.96 -1.17 -22.81
C SER A 346 36.06 -0.88 -24.30
N SER A 347 35.20 -1.53 -25.10
CA SER A 347 35.24 -1.33 -26.55
C SER A 347 34.88 0.09 -26.93
N GLY A 348 34.31 0.85 -25.99
CA GLY A 348 33.99 2.24 -26.25
C GLY A 348 32.50 2.53 -26.18
N SER A 349 31.69 1.60 -26.65
CA SER A 349 30.27 1.84 -26.72
C SER A 349 29.56 1.29 -25.48
N ALA A 350 28.49 1.97 -25.08
CA ALA A 350 27.68 1.51 -23.96
C ALA A 350 26.84 0.29 -24.31
N LYS A 351 26.73 -0.05 -25.59
CA LYS A 351 25.93 -1.18 -26.03
C LYS A 351 26.75 -2.20 -26.82
N ASP A 352 27.99 -1.88 -27.17
CA ASP A 352 28.90 -2.88 -27.73
C ASP A 352 29.64 -3.65 -26.65
N ASP A 353 29.79 -3.09 -25.45
CA ASP A 353 30.33 -3.82 -24.33
C ASP A 353 29.39 -4.90 -23.83
N LEU A 354 28.10 -4.59 -23.72
CA LEU A 354 27.11 -5.57 -23.30
C LEU A 354 27.01 -6.75 -24.26
N LEU A 355 27.17 -6.49 -25.55
CA LEU A 355 27.11 -7.57 -26.53
C LEU A 355 28.24 -8.57 -26.33
N LEU A 356 29.43 -8.09 -25.99
CA LEU A 356 30.57 -8.97 -25.77
C LEU A 356 30.35 -9.88 -24.56
N LEU A 357 29.84 -9.33 -23.46
CA LEU A 357 29.59 -10.13 -22.27
C LEU A 357 28.45 -11.11 -22.50
N GLU A 358 27.39 -10.67 -23.17
CA GLU A 358 26.28 -11.58 -23.46
C GLU A 358 26.74 -12.70 -24.37
N LYS A 359 27.69 -12.43 -25.26
CA LYS A 359 28.22 -13.49 -26.11
C LYS A 359 29.11 -14.44 -25.32
N MET A 360 29.89 -13.94 -24.38
CA MET A 360 30.79 -14.80 -23.65
C MET A 360 30.11 -15.59 -22.53
N ALA A 361 28.91 -15.19 -22.12
CA ALA A 361 28.08 -16.03 -21.27
C ALA A 361 27.42 -17.18 -22.02
N ASP A 362 26.91 -16.90 -23.22
CA ASP A 362 26.27 -17.91 -24.04
C ASP A 362 27.25 -19.02 -24.42
N ARG A 363 28.46 -18.64 -24.82
CA ARG A 363 29.46 -19.64 -25.17
C ARG A 363 29.83 -20.50 -23.97
N ALA A 364 29.92 -19.89 -22.79
CA ALA A 364 30.22 -20.66 -21.59
C ALA A 364 29.16 -21.71 -21.34
N LEU A 365 27.88 -21.32 -21.37
CA LEU A 365 26.81 -22.28 -21.16
C LEU A 365 26.77 -23.35 -22.25
N LYS A 366 27.00 -22.98 -23.50
CA LYS A 366 26.93 -23.91 -24.61
C LYS A 366 28.08 -24.91 -24.63
N GLU A 367 29.30 -24.47 -24.39
CA GLU A 367 30.46 -25.33 -24.55
C GLU A 367 30.88 -26.03 -23.27
N ASP A 368 30.81 -25.34 -22.13
CA ASP A 368 31.41 -25.84 -20.91
C ASP A 368 30.38 -26.15 -19.83
N SER A 369 29.11 -25.90 -20.08
CA SER A 369 28.03 -26.15 -19.11
C SER A 369 28.25 -25.36 -17.82
N LEU A 370 28.17 -24.04 -17.95
CA LEU A 370 28.24 -23.10 -16.85
C LEU A 370 27.12 -22.08 -16.95
N LEU A 371 26.42 -21.87 -15.85
CA LEU A 371 25.46 -20.76 -15.75
C LEU A 371 26.18 -19.63 -15.03
N VAL A 372 26.42 -18.54 -15.75
CA VAL A 372 26.90 -17.31 -15.15
C VAL A 372 25.87 -16.24 -15.47
N VAL A 373 25.98 -15.12 -14.78
CA VAL A 373 25.04 -14.01 -14.96
C VAL A 373 25.81 -12.78 -15.40
N SER A 374 25.29 -12.09 -16.40
CA SER A 374 25.85 -10.84 -16.90
C SER A 374 24.87 -9.70 -16.68
N SER A 375 25.39 -8.49 -16.65
CA SER A 375 24.59 -7.34 -16.27
C SER A 375 23.47 -7.09 -17.27
N LYS A 376 22.26 -6.86 -16.74
CA LYS A 376 21.07 -6.54 -17.53
C LYS A 376 20.39 -5.33 -16.88
N ARG A 377 20.60 -4.16 -17.44
CA ARG A 377 20.02 -2.96 -16.87
C ARG A 377 18.86 -2.41 -17.67
N SER A 378 17.81 -2.09 -16.93
CA SER A 378 16.59 -1.51 -17.47
C SER A 378 16.83 -0.06 -17.86
N PHE A 379 16.01 0.46 -18.78
CA PHE A 379 16.12 1.87 -19.12
C PHE A 379 15.63 2.78 -18.01
N LEU A 380 14.97 2.23 -16.99
CA LEU A 380 14.56 2.98 -15.81
C LEU A 380 15.63 3.00 -14.72
N ASP A 381 16.72 2.26 -14.91
CA ASP A 381 17.78 2.19 -13.93
C ASP A 381 18.70 3.41 -14.04
N LYS A 382 19.05 3.99 -12.89
CA LYS A 382 19.90 5.17 -12.84
C LYS A 382 21.31 4.85 -12.34
N CYS A 383 21.66 3.57 -12.23
CA CYS A 383 23.00 3.20 -11.80
C CYS A 383 23.98 3.33 -12.97
N ARG A 384 25.16 3.88 -12.68
CA ARG A 384 26.18 4.07 -13.70
C ARG A 384 27.48 3.37 -13.34
N LEU A 385 27.42 2.36 -12.49
CA LEU A 385 28.58 1.55 -12.19
C LEU A 385 28.95 0.70 -13.40
N PRO A 386 30.19 0.22 -13.49
CA PRO A 386 30.61 -0.59 -14.63
C PRO A 386 29.82 -1.89 -14.76
N VAL A 387 29.74 -2.39 -15.98
CA VAL A 387 29.07 -3.64 -16.28
C VAL A 387 30.10 -4.77 -16.31
N GLY A 388 29.63 -6.01 -16.18
CA GLY A 388 30.54 -7.13 -16.12
C GLY A 388 29.80 -8.44 -15.93
N ILE A 389 30.51 -9.44 -15.41
CA ILE A 389 30.00 -10.79 -15.21
C ILE A 389 30.08 -11.12 -13.73
N LYS A 390 29.02 -11.72 -13.20
CA LYS A 390 28.92 -12.06 -11.78
C LYS A 390 28.83 -13.56 -11.57
N LEU A 391 29.42 -14.02 -10.47
CA LEU A 391 29.36 -15.42 -10.06
C LEU A 391 28.87 -15.47 -8.64
N TYR A 392 27.83 -16.26 -8.39
CA TYR A 392 27.29 -16.45 -7.04
C TYR A 392 27.83 -17.77 -6.53
N VAL A 393 28.85 -17.72 -5.73
CA VAL A 393 29.45 -18.94 -5.18
C VAL A 393 28.72 -19.32 -3.91
N SER A 394 28.55 -20.61 -3.68
CA SER A 394 27.82 -21.13 -2.54
C SER A 394 28.65 -22.17 -1.80
N ALA A 395 28.22 -22.50 -0.60
CA ALA A 395 28.86 -23.53 0.20
C ALA A 395 28.70 -24.92 -0.39
N GLY A 396 27.75 -25.10 -1.31
CA GLY A 396 27.52 -26.41 -1.91
C GLY A 396 28.43 -26.74 -3.08
N HIS A 397 29.13 -25.75 -3.63
CA HIS A 397 30.01 -26.01 -4.76
C HIS A 397 31.22 -26.81 -4.31
N SER A 398 31.60 -27.78 -5.13
CA SER A 398 32.74 -28.62 -4.82
C SER A 398 34.01 -27.98 -5.35
N GLU A 399 35.16 -28.46 -4.89
CA GLU A 399 36.42 -27.98 -5.40
C GLU A 399 36.67 -28.42 -6.83
N SER A 400 36.04 -29.50 -7.28
CA SER A 400 36.15 -29.93 -8.67
C SER A 400 35.52 -28.95 -9.64
N ASP A 401 34.29 -28.52 -9.38
CA ASP A 401 33.61 -27.60 -10.27
C ASP A 401 33.87 -26.15 -9.92
N LEU A 402 34.78 -25.90 -8.99
CA LEU A 402 35.15 -24.54 -8.64
C LEU A 402 36.35 -24.08 -9.46
N LEU A 403 37.23 -25.00 -9.85
CA LEU A 403 38.28 -24.69 -10.81
C LEU A 403 37.87 -25.01 -12.24
N LYS A 404 36.70 -25.60 -12.43
CA LYS A 404 36.09 -25.69 -13.76
C LYS A 404 35.46 -24.38 -14.20
N ALA A 405 35.06 -23.52 -13.27
CA ALA A 405 34.52 -22.21 -13.61
C ALA A 405 35.60 -21.16 -13.78
N SER A 406 36.82 -21.42 -13.34
CA SER A 406 37.91 -20.51 -13.63
C SER A 406 38.68 -20.92 -14.86
N GLU A 407 38.90 -22.20 -15.07
CA GLU A 407 39.58 -22.67 -16.27
C GLU A 407 38.77 -22.43 -17.52
N SER A 408 37.45 -22.49 -17.43
CA SER A 408 36.57 -22.22 -18.55
C SER A 408 36.31 -20.75 -18.79
N LEU A 409 36.67 -19.88 -17.85
CA LEU A 409 36.45 -18.46 -18.00
C LEU A 409 37.73 -17.70 -18.29
N LYS A 410 38.89 -18.25 -17.94
CA LYS A 410 40.16 -17.72 -18.40
C LYS A 410 40.46 -18.06 -19.85
N ARG A 411 39.79 -19.06 -20.40
CA ARG A 411 40.01 -19.48 -21.77
C ARG A 411 39.22 -18.68 -22.78
N LEU A 412 38.05 -18.17 -22.40
CA LEU A 412 37.27 -17.32 -23.29
C LEU A 412 37.67 -15.87 -23.22
N ALA A 413 38.56 -15.49 -22.31
CA ALA A 413 39.02 -14.11 -22.25
C ALA A 413 40.31 -13.92 -23.03
N SER A 414 41.14 -14.94 -23.13
CA SER A 414 42.33 -14.90 -23.95
C SER A 414 42.02 -15.24 -25.41
N GLU A 415 40.74 -15.41 -25.73
CA GLU A 415 40.35 -15.82 -27.08
C GLU A 415 39.26 -14.93 -27.66
N LEU A 416 38.62 -14.10 -26.86
CA LEU A 416 37.52 -13.29 -27.36
C LEU A 416 37.75 -11.83 -26.98
N LEU A 417 38.79 -11.55 -26.20
CA LEU A 417 39.14 -10.18 -25.84
C LEU A 417 40.36 -9.70 -26.61
N LEU A 418 41.43 -10.48 -26.65
CA LEU A 418 42.59 -10.12 -27.44
C LEU A 418 43.40 -11.34 -27.84
N MET B 1 -32.51 9.40 6.24
CA MET B 1 -31.11 9.47 5.84
C MET B 1 -30.54 10.85 6.02
N TYR B 2 -31.31 11.72 6.69
CA TYR B 2 -30.81 13.03 7.08
C TYR B 2 -30.38 13.07 8.54
N LEU B 3 -31.19 12.52 9.44
CA LEU B 3 -30.78 12.42 10.82
C LEU B 3 -29.58 11.48 11.00
N THR B 4 -29.43 10.49 10.13
CA THR B 4 -28.24 9.66 10.14
C THR B 4 -26.97 10.46 9.83
N ALA B 5 -27.02 11.33 8.84
CA ALA B 5 -25.89 12.22 8.57
C ALA B 5 -25.61 13.14 9.74
N VAL B 6 -26.64 13.74 10.33
CA VAL B 6 -26.42 14.64 11.46
C VAL B 6 -25.77 13.91 12.63
N SER B 7 -26.26 12.71 12.97
CA SER B 7 -25.65 11.91 14.02
C SER B 7 -24.23 11.47 13.70
N THR B 8 -23.93 11.13 12.45
CA THR B 8 -22.57 10.75 12.07
C THR B 8 -21.58 11.89 12.29
N TYR B 9 -21.93 13.09 11.81
CA TYR B 9 -21.06 14.25 12.02
C TYR B 9 -20.92 14.57 13.50
N PHE B 10 -22.01 14.46 14.26
CA PHE B 10 -21.92 14.73 15.69
C PHE B 10 -20.96 13.79 16.39
N SER B 11 -21.07 12.49 16.12
CA SER B 11 -20.20 11.52 16.78
C SER B 11 -18.73 11.70 16.37
N TYR B 12 -18.45 11.98 15.10
CA TYR B 12 -17.08 12.25 14.72
C TYR B 12 -16.52 13.51 15.37
N GLY B 13 -17.32 14.57 15.47
CA GLY B 13 -16.87 15.74 16.20
C GLY B 13 -16.58 15.49 17.66
N LEU B 14 -17.38 14.64 18.31
CA LEU B 14 -17.09 14.27 19.68
C LEU B 14 -15.76 13.53 19.81
N LEU B 15 -15.49 12.59 18.89
CA LEU B 15 -14.19 11.92 18.90
C LEU B 15 -13.04 12.90 18.70
N PHE B 16 -13.19 13.84 17.76
CA PHE B 16 -12.17 14.84 17.52
C PHE B 16 -11.90 15.68 18.77
N ALA B 17 -12.96 16.14 19.43
CA ALA B 17 -12.80 17.00 20.61
C ALA B 17 -12.08 16.27 21.72
N PHE B 18 -12.50 15.05 22.04
CA PHE B 18 -11.82 14.30 23.10
C PHE B 18 -10.38 13.98 22.76
N GLY B 19 -10.08 13.64 21.50
CA GLY B 19 -8.70 13.38 21.13
C GLY B 19 -7.80 14.58 21.26
N GLN B 20 -8.25 15.75 20.80
CA GLN B 20 -7.46 16.96 20.98
C GLN B 20 -7.27 17.29 22.45
N LEU B 21 -8.31 17.08 23.26
CA LEU B 21 -8.20 17.38 24.68
C LEU B 21 -7.16 16.49 25.35
N ARG B 22 -7.11 15.20 25.01
CA ARG B 22 -6.12 14.32 25.60
C ARG B 22 -4.71 14.62 25.07
N ASP B 23 -4.61 14.99 23.80
CA ASP B 23 -3.31 15.35 23.25
C ASP B 23 -2.73 16.61 23.86
N PHE B 24 -3.58 17.54 24.32
CA PHE B 24 -3.08 18.73 24.97
C PHE B 24 -2.48 18.46 26.35
N PHE B 25 -2.82 17.35 26.99
CA PHE B 25 -2.14 16.95 28.22
C PHE B 25 -0.95 16.03 27.99
N ARG B 26 -1.04 15.13 27.02
CA ARG B 26 0.07 14.22 26.78
C ARG B 26 1.36 14.99 26.51
N ARG B 27 1.24 15.98 25.64
CA ARG B 27 2.33 16.85 25.22
C ARG B 27 2.66 17.91 26.27
N PHE B 28 2.18 17.69 27.49
CA PHE B 28 2.43 18.60 28.59
C PHE B 28 2.95 17.87 29.83
N ILE B 29 2.71 16.57 29.94
CA ILE B 29 3.19 15.79 31.07
C ILE B 29 4.43 15.00 30.62
N ASP B 30 5.08 15.45 29.56
CA ASP B 30 6.33 14.83 29.11
C ASP B 30 7.56 15.50 29.69
N TRP B 31 7.38 16.49 30.56
CA TRP B 31 8.49 17.23 31.14
C TRP B 31 8.89 16.66 32.50
N TRP B 32 8.34 15.51 32.86
CA TRP B 32 8.68 14.78 34.06
C TRP B 32 9.14 13.39 33.68
N LEU B 37 15.46 10.06 22.50
CA LEU B 37 15.79 10.95 21.40
C LEU B 37 16.88 11.93 21.79
N GLN B 38 18.13 11.49 21.71
CA GLN B 38 19.27 12.31 22.10
C GLN B 38 19.72 13.15 20.91
N GLY B 39 18.89 14.12 20.55
CA GLY B 39 19.13 14.93 19.38
C GLY B 39 18.64 14.32 18.08
N TYR B 40 17.98 13.17 18.13
CA TYR B 40 17.42 12.55 16.94
C TYR B 40 16.00 13.05 16.72
N ALA B 41 15.65 13.31 15.47
CA ALA B 41 14.31 13.79 15.17
C ALA B 41 13.29 12.69 15.46
N PRO B 42 12.06 13.04 15.84
CA PRO B 42 11.05 12.02 16.09
C PRO B 42 10.69 11.27 14.82
N ILE B 43 10.32 10.00 14.97
CA ILE B 43 9.90 9.20 13.83
C ILE B 43 8.70 9.83 13.14
N CYS B 44 7.69 10.19 13.92
CA CYS B 44 6.49 10.76 13.35
C CYS B 44 6.03 11.91 14.24
N LEU B 45 5.56 12.97 13.60
CA LEU B 45 5.11 14.14 14.33
C LEU B 45 3.77 13.83 15.01
N GLY B 46 3.39 14.68 15.96
CA GLY B 46 2.25 14.39 16.80
C GLY B 46 0.90 14.31 16.10
N HIS B 47 0.71 15.10 15.05
CA HIS B 47 -0.55 15.17 14.34
C HIS B 47 -0.48 14.54 12.96
N GLU B 48 0.59 13.83 12.66
CA GLU B 48 0.69 13.10 11.40
C GLU B 48 0.12 11.70 11.51
N ASP B 49 -0.29 11.29 12.71
CA ASP B 49 -0.98 10.02 12.91
C ASP B 49 -2.09 10.19 13.94
N PHE B 50 -2.87 11.26 13.83
CA PHE B 50 -3.88 11.54 14.84
C PHE B 50 -4.96 10.48 14.87
N TYR B 51 -5.45 10.04 13.72
CA TYR B 51 -6.55 9.09 13.67
C TYR B 51 -6.12 7.65 13.89
N ILE B 52 -4.82 7.35 13.79
CA ILE B 52 -4.31 6.06 14.20
C ILE B 52 -4.27 5.91 15.71
N ARG B 53 -4.03 6.98 16.44
CA ARG B 53 -3.98 6.93 17.89
C ARG B 53 -5.30 7.25 18.57
N ARG B 54 -6.14 8.08 17.97
CA ARG B 54 -7.34 8.56 18.63
C ARG B 54 -8.61 7.93 18.10
N LEU B 55 -8.57 7.26 16.96
CA LEU B 55 -9.74 6.58 16.43
C LEU B 55 -9.48 5.10 16.25
N TYR B 56 -8.38 4.74 15.60
CA TYR B 56 -8.13 3.34 15.26
C TYR B 56 -7.75 2.51 16.47
N HIS B 57 -7.07 3.10 17.44
CA HIS B 57 -6.64 2.35 18.61
C HIS B 57 -7.79 2.05 19.55
N ARG B 58 -8.88 2.82 19.48
CA ARG B 58 -10.06 2.50 20.27
C ARG B 58 -10.69 1.19 19.82
N ILE B 59 -10.79 0.98 18.52
CA ILE B 59 -11.38 -0.24 17.98
C ILE B 59 -10.29 -1.07 17.35
N GLN B 60 -9.56 -1.81 18.16
CA GLN B 60 -8.37 -2.48 17.71
C GLN B 60 -8.57 -3.98 17.60
N ASP B 61 -9.43 -4.53 18.44
CA ASP B 61 -9.74 -5.95 18.46
C ASP B 61 -10.53 -6.40 17.25
N CYS B 62 -11.02 -5.47 16.43
CA CYS B 62 -11.79 -5.80 15.24
C CYS B 62 -10.91 -6.02 14.02
N PHE B 63 -9.59 -5.97 14.17
CA PHE B 63 -8.67 -6.10 13.06
C PHE B 63 -7.57 -7.09 13.43
N GLU B 64 -6.97 -7.66 12.38
CA GLU B 64 -5.79 -8.51 12.49
C GLU B 64 -6.01 -9.71 13.41
N ARG B 65 -7.21 -10.28 13.35
CA ARG B 65 -7.52 -11.45 14.17
C ARG B 65 -6.78 -12.67 13.66
N PRO B 66 -5.97 -13.32 14.49
CA PRO B 66 -5.27 -14.52 14.03
C PRO B 66 -6.21 -15.71 13.88
N ILE B 67 -5.89 -16.57 12.92
CA ILE B 67 -6.62 -17.82 12.72
C ILE B 67 -5.60 -18.94 12.76
N SER B 68 -5.99 -20.07 13.34
CA SER B 68 -5.11 -21.22 13.47
C SER B 68 -5.51 -22.37 12.57
N SER B 69 -6.20 -22.08 11.47
CA SER B 69 -6.71 -23.11 10.59
C SER B 69 -6.62 -22.59 9.16
N ALA B 70 -6.98 -23.44 8.21
CA ALA B 70 -6.96 -23.02 6.81
C ALA B 70 -8.15 -22.12 6.51
N PRO B 71 -7.99 -21.19 5.58
CA PRO B 71 -9.10 -20.29 5.25
C PRO B 71 -10.21 -20.96 4.43
N ASP B 72 -11.12 -21.62 5.11
CA ASP B 72 -12.19 -22.36 4.46
C ASP B 72 -13.54 -21.75 4.84
N ALA B 73 -14.64 -22.46 4.61
CA ALA B 73 -15.95 -21.95 5.00
C ALA B 73 -16.04 -21.73 6.50
N TRP B 74 -15.50 -22.64 7.28
CA TRP B 74 -15.38 -22.49 8.73
C TRP B 74 -13.90 -22.44 9.09
N PHE B 75 -13.58 -21.72 10.15
CA PHE B 75 -12.20 -21.67 10.63
C PHE B 75 -12.13 -21.42 12.12
N ASP B 76 -10.93 -21.44 12.66
CA ASP B 76 -10.67 -21.27 14.08
C ASP B 76 -10.05 -19.90 14.31
N VAL B 77 -10.64 -19.11 15.19
CA VAL B 77 -10.15 -17.79 15.53
C VAL B 77 -9.51 -17.82 16.90
N VAL B 78 -8.26 -17.38 16.97
CA VAL B 78 -7.55 -17.25 18.25
C VAL B 78 -8.03 -15.98 18.94
N GLU B 79 -8.11 -16.00 20.26
CA GLU B 79 -8.55 -14.84 21.03
C GLU B 79 -7.38 -14.19 21.75
N ARG B 80 -7.46 -12.87 21.92
CA ARG B 80 -6.40 -12.07 22.50
C ARG B 80 -6.91 -11.35 23.75
N TYR B 81 -5.98 -10.99 24.64
CA TYR B 81 -6.39 -10.61 26.00
C TYR B 81 -5.61 -9.48 26.67
N SER B 82 -5.10 -8.50 25.92
CA SER B 82 -4.12 -7.52 26.42
C SER B 82 -4.28 -7.10 27.87
N ASN B 83 -3.17 -6.98 28.59
CA ASN B 83 -3.20 -6.61 30.01
C ASN B 83 -2.76 -5.17 30.26
N ASP B 84 -1.89 -4.62 29.41
CA ASP B 84 -1.28 -3.31 29.66
C ASP B 84 -2.20 -2.16 29.24
N ASN B 85 -3.41 -2.17 29.80
CA ASN B 85 -4.38 -1.10 29.55
C ASN B 85 -4.67 -0.93 28.07
N ASN B 86 -4.85 -2.06 27.38
CA ASN B 86 -5.19 -2.08 25.96
C ASN B 86 -4.17 -1.30 25.13
N LYS B 87 -2.97 -1.85 25.07
CA LYS B 87 -1.90 -1.33 24.24
C LYS B 87 -1.38 -2.35 23.23
N THR B 88 -1.18 -3.59 23.66
CA THR B 88 -0.69 -4.64 22.79
C THR B 88 -1.50 -5.89 23.07
N LEU B 89 -2.42 -6.21 22.15
CA LEU B 89 -3.22 -7.42 22.25
C LEU B 89 -2.34 -8.61 21.91
N LYS B 90 -2.04 -9.44 22.90
CA LYS B 90 -1.33 -10.68 22.67
C LYS B 90 -2.29 -11.85 22.86
N ARG B 91 -2.00 -12.96 22.19
CA ARG B 91 -2.96 -14.04 22.03
C ARG B 91 -2.84 -15.08 23.13
N THR B 92 -3.83 -15.97 23.18
CA THR B 92 -3.89 -17.07 24.12
C THR B 92 -3.99 -18.38 23.35
N THR B 93 -4.33 -19.44 24.06
CA THR B 93 -4.88 -20.65 23.47
C THR B 93 -6.39 -20.49 23.32
N LYS B 94 -7.08 -21.61 23.14
CA LYS B 94 -8.54 -21.69 23.15
C LYS B 94 -9.19 -20.80 22.08
N THR B 95 -9.15 -21.28 20.85
CA THR B 95 -9.81 -20.71 19.68
C THR B 95 -11.33 -20.93 19.75
N SER B 96 -12.05 -20.52 18.71
CA SER B 96 -13.49 -20.75 18.58
C SER B 96 -13.84 -20.91 17.12
N ARG B 97 -14.76 -21.82 16.80
CA ARG B 97 -15.11 -22.11 15.41
C ARG B 97 -16.13 -21.11 14.89
N CYS B 98 -15.78 -20.37 13.84
CA CYS B 98 -16.62 -19.33 13.27
C CYS B 98 -16.96 -19.67 11.82
N LEU B 99 -17.93 -18.94 11.29
CA LEU B 99 -18.27 -18.99 9.87
C LEU B 99 -17.51 -17.88 9.15
N ASN B 100 -16.90 -18.23 8.02
CA ASN B 100 -16.04 -17.30 7.30
C ASN B 100 -16.86 -16.47 6.33
N LEU B 101 -16.90 -15.15 6.56
CA LEU B 101 -17.53 -14.24 5.63
C LEU B 101 -16.60 -13.08 5.29
N GLY B 102 -15.30 -13.28 5.41
CA GLY B 102 -14.36 -12.19 5.18
C GLY B 102 -13.15 -12.52 4.33
N SER B 103 -12.99 -13.77 3.93
CA SER B 103 -11.87 -14.13 3.06
C SER B 103 -12.24 -13.97 1.59
N TYR B 104 -11.28 -14.22 0.72
CA TYR B 104 -11.40 -14.06 -0.72
C TYR B 104 -11.19 -15.38 -1.44
N ASN B 105 -11.89 -16.45 -1.07
CA ASN B 105 -11.88 -17.62 -1.94
C ASN B 105 -13.23 -17.76 -2.63
N TYR B 106 -13.38 -17.01 -3.72
CA TYR B 106 -14.64 -16.95 -4.42
C TYR B 106 -15.04 -18.30 -4.99
N LEU B 107 -14.09 -19.07 -5.50
CA LEU B 107 -14.37 -20.36 -6.11
C LEU B 107 -14.04 -21.53 -5.21
N GLY B 108 -13.62 -21.31 -3.98
CA GLY B 108 -13.40 -22.39 -3.05
C GLY B 108 -12.12 -23.19 -3.24
N PHE B 109 -11.07 -22.56 -3.73
CA PHE B 109 -9.81 -23.25 -3.98
C PHE B 109 -8.81 -23.06 -2.84
N GLY B 110 -9.22 -22.46 -1.73
CA GLY B 110 -8.29 -22.12 -0.67
C GLY B 110 -8.16 -23.07 0.50
N SER B 111 -8.06 -24.37 0.23
CA SER B 111 -7.73 -25.34 1.26
C SER B 111 -7.07 -26.53 0.59
N PHE B 112 -7.14 -27.71 1.21
CA PHE B 112 -6.71 -28.94 0.55
C PHE B 112 -7.89 -29.45 -0.29
N ASP B 113 -7.66 -29.66 -1.58
CA ASP B 113 -8.60 -30.43 -2.39
C ASP B 113 -7.87 -31.55 -3.11
N GLU B 114 -8.65 -32.52 -3.61
CA GLU B 114 -8.10 -33.82 -3.95
C GLU B 114 -7.43 -33.87 -5.32
N TYR B 115 -7.45 -32.78 -6.08
CA TYR B 115 -6.74 -32.73 -7.36
C TYR B 115 -5.52 -31.85 -7.33
N CYS B 116 -5.63 -30.64 -6.78
CA CYS B 116 -4.58 -29.65 -6.86
C CYS B 116 -3.41 -29.94 -5.92
N THR B 117 -3.69 -30.12 -4.63
CA THR B 117 -2.63 -30.26 -3.64
C THR B 117 -1.74 -31.48 -3.85
N PRO B 118 -2.24 -32.65 -4.21
CA PRO B 118 -1.32 -33.74 -4.53
C PRO B 118 -0.35 -33.43 -5.65
N ARG B 119 -0.77 -32.66 -6.66
CA ARG B 119 0.16 -32.26 -7.71
C ARG B 119 1.08 -31.13 -7.27
N VAL B 120 0.65 -30.28 -6.34
CA VAL B 120 1.52 -29.27 -5.77
C VAL B 120 2.65 -29.87 -4.96
N ILE B 121 2.36 -30.88 -4.14
CA ILE B 121 3.38 -31.48 -3.31
C ILE B 121 4.48 -32.19 -4.09
N GLU B 122 4.13 -32.87 -5.18
CA GLU B 122 5.14 -33.56 -5.96
C GLU B 122 5.98 -32.64 -6.84
N SER B 123 5.50 -31.44 -7.12
CA SER B 123 6.31 -30.41 -7.74
C SER B 123 7.31 -29.78 -6.77
N LEU B 124 6.90 -29.55 -5.53
CA LEU B 124 7.81 -29.15 -4.47
C LEU B 124 8.87 -30.18 -4.18
N LYS B 125 8.51 -31.46 -4.19
CA LYS B 125 9.48 -32.51 -3.97
C LYS B 125 10.60 -32.52 -5.01
N LYS B 126 10.39 -31.86 -6.15
CA LYS B 126 11.31 -31.89 -7.26
C LYS B 126 11.99 -30.57 -7.54
N PHE B 127 11.35 -29.44 -7.24
CA PHE B 127 11.96 -28.13 -7.49
C PHE B 127 12.27 -27.34 -6.22
N SER B 128 11.73 -27.71 -5.07
CA SER B 128 12.16 -27.24 -3.76
C SER B 128 11.86 -25.78 -3.45
N ALA B 129 10.63 -25.34 -3.69
CA ALA B 129 10.06 -24.16 -3.04
C ALA B 129 10.60 -22.82 -3.50
N SER B 130 11.67 -22.79 -4.27
CA SER B 130 12.23 -21.56 -4.79
C SER B 130 13.48 -21.83 -5.63
N THR B 131 13.79 -20.87 -6.49
CA THR B 131 14.95 -20.94 -7.37
C THR B 131 16.05 -19.98 -6.97
N CYS B 132 15.76 -18.95 -6.18
CA CYS B 132 16.74 -18.02 -5.66
C CYS B 132 17.44 -17.27 -6.78
N SER B 133 16.71 -17.00 -7.85
CA SER B 133 17.27 -16.37 -9.03
C SER B 133 16.15 -15.71 -9.80
N SER B 134 16.51 -14.82 -10.72
CA SER B 134 15.51 -14.10 -11.48
C SER B 134 15.12 -14.89 -12.71
N ARG B 135 14.09 -14.44 -13.41
CA ARG B 135 13.61 -15.15 -14.59
C ARG B 135 14.59 -15.10 -15.73
N VAL B 136 15.43 -14.07 -15.81
CA VAL B 136 16.34 -13.92 -16.96
C VAL B 136 17.65 -14.62 -16.68
N ASP B 137 17.79 -15.23 -15.50
CA ASP B 137 19.08 -15.84 -15.16
C ASP B 137 19.01 -17.35 -15.00
N ALA B 138 18.31 -17.83 -13.98
CA ALA B 138 18.14 -19.25 -13.73
C ALA B 138 16.77 -19.57 -13.15
N GLY B 139 15.87 -18.61 -13.17
CA GLY B 139 14.57 -18.75 -12.55
C GLY B 139 13.47 -19.28 -13.45
N THR B 140 13.78 -19.73 -14.65
CA THR B 140 12.79 -20.31 -15.53
C THR B 140 12.91 -21.81 -15.50
N THR B 141 11.86 -22.48 -15.04
CA THR B 141 11.78 -23.93 -15.04
C THR B 141 10.74 -24.37 -16.05
N SER B 142 10.51 -25.68 -16.13
CA SER B 142 9.46 -26.20 -16.99
C SER B 142 8.10 -25.68 -16.55
N VAL B 143 7.89 -25.61 -15.24
CA VAL B 143 6.61 -25.18 -14.70
C VAL B 143 6.31 -23.74 -15.11
N HIS B 144 7.31 -22.88 -15.08
CA HIS B 144 7.10 -21.49 -15.46
C HIS B 144 6.74 -21.34 -16.92
N ALA B 145 7.31 -22.19 -17.78
CA ALA B 145 7.01 -22.15 -19.20
C ALA B 145 5.60 -22.64 -19.47
N GLU B 146 5.15 -23.66 -18.75
CA GLU B 146 3.79 -24.15 -18.95
C GLU B 146 2.73 -23.24 -18.36
N LEU B 147 3.03 -22.53 -17.27
CA LEU B 147 2.06 -21.65 -16.66
C LEU B 147 1.64 -20.53 -17.60
N GLU B 148 2.57 -19.96 -18.34
CA GLU B 148 2.22 -18.85 -19.21
C GLU B 148 1.40 -19.29 -20.41
N GLU B 149 1.66 -20.47 -20.94
CA GLU B 149 0.80 -21.06 -21.94
C GLU B 149 -0.59 -21.35 -21.42
N CYS B 150 -0.73 -21.79 -20.17
CA CYS B 150 -2.06 -21.93 -19.58
C CYS B 150 -2.78 -20.61 -19.38
N VAL B 151 -2.09 -19.57 -18.91
CA VAL B 151 -2.76 -18.29 -18.70
C VAL B 151 -3.18 -17.66 -20.02
N THR B 152 -2.35 -17.78 -21.06
CA THR B 152 -2.67 -17.25 -22.37
C THR B 152 -3.96 -17.83 -22.94
N ARG B 153 -4.11 -19.15 -22.90
CA ARG B 153 -5.24 -19.82 -23.52
C ARG B 153 -6.47 -19.82 -22.61
N PHE B 154 -6.37 -19.19 -21.45
CA PHE B 154 -7.51 -18.97 -20.58
C PHE B 154 -7.99 -17.53 -20.58
N VAL B 155 -7.12 -16.55 -20.73
CA VAL B 155 -7.55 -15.16 -20.76
C VAL B 155 -8.04 -14.73 -22.14
N GLY B 156 -7.39 -15.18 -23.21
CA GLY B 156 -7.85 -14.89 -24.55
C GLY B 156 -7.04 -13.82 -25.27
N LYS B 157 -5.73 -13.84 -25.10
CA LYS B 157 -4.82 -12.87 -25.68
C LYS B 157 -3.66 -13.63 -26.31
N PRO B 158 -2.92 -13.00 -27.23
CA PRO B 158 -1.77 -13.69 -27.82
C PRO B 158 -0.67 -14.08 -26.84
N ALA B 159 -0.39 -13.29 -25.80
CA ALA B 159 0.77 -13.58 -24.96
C ALA B 159 0.54 -13.07 -23.53
N ALA B 160 1.35 -13.58 -22.60
CA ALA B 160 1.22 -13.25 -21.18
C ALA B 160 2.56 -13.38 -20.47
N VAL B 161 2.67 -12.69 -19.33
CA VAL B 161 3.82 -12.77 -18.42
C VAL B 161 3.27 -12.97 -17.01
N VAL B 162 4.02 -13.67 -16.15
CA VAL B 162 3.61 -13.93 -14.78
C VAL B 162 4.66 -13.39 -13.83
N PHE B 163 4.20 -12.67 -12.80
CA PHE B 163 5.04 -12.12 -11.75
C PHE B 163 4.67 -12.73 -10.40
N GLY B 164 5.48 -12.44 -9.40
CA GLY B 164 5.31 -13.04 -8.08
C GLY B 164 4.44 -12.28 -7.11
N MET B 165 4.08 -11.05 -7.43
CA MET B 165 3.23 -10.22 -6.58
C MET B 165 2.23 -9.49 -7.45
N GLY B 166 1.04 -9.23 -6.91
CA GLY B 166 0.03 -8.51 -7.66
C GLY B 166 0.05 -7.01 -7.47
N TYR B 167 0.59 -6.53 -6.36
CA TYR B 167 0.82 -5.11 -6.18
C TYR B 167 1.94 -4.61 -7.07
N ALA B 168 3.03 -5.38 -7.16
CA ALA B 168 4.13 -5.07 -8.05
C ALA B 168 3.74 -5.13 -9.52
N THR B 169 2.85 -6.03 -9.91
CA THR B 169 2.39 -6.09 -11.30
C THR B 169 1.80 -4.78 -11.79
N ASN B 170 1.23 -3.96 -10.91
CA ASN B 170 0.81 -2.61 -11.28
C ASN B 170 1.93 -1.59 -11.12
N SER B 171 2.53 -1.56 -9.93
CA SER B 171 3.42 -0.48 -9.58
C SER B 171 4.77 -0.56 -10.26
N ALA B 172 5.09 -1.65 -10.93
CA ALA B 172 6.33 -1.76 -11.67
C ALA B 172 6.11 -1.85 -13.17
N ILE B 173 4.89 -2.12 -13.62
CA ILE B 173 4.58 -2.17 -15.03
C ILE B 173 4.12 -0.83 -15.58
N ILE B 174 3.37 -0.03 -14.82
CA ILE B 174 2.92 1.25 -15.34
C ILE B 174 4.09 2.17 -15.72
N PRO B 175 5.16 2.28 -14.92
CA PRO B 175 6.30 3.11 -15.34
C PRO B 175 6.93 2.72 -16.67
N VAL B 176 6.90 1.46 -17.05
CA VAL B 176 7.50 1.03 -18.31
C VAL B 176 6.70 1.49 -19.52
N LEU B 177 5.41 1.72 -19.39
CA LEU B 177 4.53 2.02 -20.50
C LEU B 177 4.39 3.50 -20.81
N ILE B 178 4.62 4.39 -19.85
CA ILE B 178 4.40 5.81 -20.02
C ILE B 178 5.39 6.55 -19.14
N GLY B 179 5.68 7.77 -19.51
CA GLY B 179 6.70 8.56 -18.83
C GLY B 179 6.35 10.02 -18.82
N LYS B 180 7.36 10.86 -18.70
CA LYS B 180 7.17 12.30 -18.68
C LYS B 180 6.79 12.79 -20.07
N GLY B 181 5.73 13.58 -20.15
CA GLY B 181 5.14 13.92 -21.43
C GLY B 181 3.86 13.17 -21.74
N GLY B 182 3.48 12.15 -20.98
CA GLY B 182 2.24 11.43 -21.18
C GLY B 182 1.20 11.78 -20.15
N LEU B 183 -0.02 11.33 -20.40
CA LEU B 183 -1.17 11.58 -19.55
C LEU B 183 -1.79 10.26 -19.08
N ILE B 184 -2.27 10.25 -17.85
CA ILE B 184 -2.98 9.12 -17.28
C ILE B 184 -4.29 9.66 -16.75
N ILE B 185 -5.40 9.11 -17.21
CA ILE B 185 -6.70 9.42 -16.64
C ILE B 185 -7.18 8.21 -15.87
N SER B 186 -7.59 8.42 -14.63
CA SER B 186 -7.85 7.33 -13.72
C SER B 186 -9.22 7.48 -13.09
N ASP B 187 -9.86 6.34 -12.82
CA ASP B 187 -11.10 6.33 -12.08
C ASP B 187 -10.83 6.74 -10.64
N SER B 188 -11.79 7.45 -10.03
CA SER B 188 -11.56 7.99 -8.70
C SER B 188 -11.30 6.90 -7.66
N LEU B 189 -11.81 5.70 -7.87
CA LEU B 189 -11.76 4.65 -6.87
C LEU B 189 -10.77 3.54 -7.21
N ASN B 190 -9.77 3.83 -8.02
CA ASN B 190 -8.79 2.80 -8.36
C ASN B 190 -7.95 2.42 -7.16
N HIS B 191 -7.39 1.21 -7.20
CA HIS B 191 -6.64 0.66 -6.09
C HIS B 191 -5.35 1.42 -5.86
N SER B 192 -4.77 1.24 -4.69
CA SER B 192 -3.55 1.95 -4.33
C SER B 192 -2.35 1.54 -5.19
N SER B 193 -2.30 0.29 -5.64
CA SER B 193 -1.22 -0.14 -6.50
C SER B 193 -1.19 0.62 -7.82
N ILE B 194 -2.36 0.94 -8.36
CA ILE B 194 -2.45 1.73 -9.57
C ILE B 194 -1.98 3.15 -9.34
N VAL B 195 -2.39 3.76 -8.22
CA VAL B 195 -1.99 5.13 -7.93
C VAL B 195 -0.49 5.22 -7.72
N ASN B 196 0.09 4.28 -6.99
CA ASN B 196 1.53 4.25 -6.79
C ASN B 196 2.31 3.96 -8.07
N GLY B 197 1.79 3.11 -8.95
CA GLY B 197 2.40 2.93 -10.24
C GLY B 197 2.33 4.16 -11.12
N ALA B 198 1.24 4.92 -11.03
CA ALA B 198 1.12 6.15 -11.79
C ALA B 198 2.05 7.22 -11.28
N ARG B 199 2.23 7.32 -9.97
CA ARG B 199 3.20 8.25 -9.40
C ARG B 199 4.63 7.80 -9.62
N GLY B 200 4.87 6.51 -9.80
CA GLY B 200 6.22 6.04 -10.05
C GLY B 200 6.77 6.42 -11.41
N SER B 201 5.90 6.78 -12.32
CA SER B 201 6.27 7.29 -13.64
C SER B 201 6.21 8.80 -13.63
N GLY B 202 6.81 9.42 -14.61
CA GLY B 202 6.80 10.86 -14.57
C GLY B 202 5.56 11.50 -15.14
N ALA B 203 4.56 10.72 -15.52
CA ALA B 203 3.44 11.24 -16.26
C ALA B 203 2.54 12.11 -15.38
N THR B 204 1.71 12.90 -16.05
CA THR B 204 0.68 13.70 -15.41
C THR B 204 -0.54 12.85 -15.10
N ILE B 205 -1.20 13.15 -13.99
CA ILE B 205 -2.33 12.35 -13.54
C ILE B 205 -3.56 13.23 -13.45
N ARG B 206 -4.61 12.88 -14.19
CA ARG B 206 -5.92 13.47 -14.03
C ARG B 206 -6.88 12.37 -13.63
N VAL B 207 -8.02 12.75 -13.05
CA VAL B 207 -8.96 11.78 -12.53
C VAL B 207 -10.36 12.14 -13.03
N PHE B 208 -11.21 11.13 -13.19
CA PHE B 208 -12.59 11.35 -13.57
C PHE B 208 -13.52 10.68 -12.57
N GLN B 209 -14.75 11.17 -12.52
CA GLN B 209 -15.74 10.76 -11.52
C GLN B 209 -16.05 9.29 -11.63
N HIS B 210 -16.22 8.63 -10.50
CA HIS B 210 -16.30 7.19 -10.45
C HIS B 210 -17.43 6.65 -11.29
N ASN B 211 -17.05 5.89 -12.33
CA ASN B 211 -17.95 5.05 -13.10
C ASN B 211 -18.96 5.87 -13.87
N THR B 212 -18.60 7.09 -14.25
CA THR B 212 -19.48 7.98 -15.03
C THR B 212 -18.83 8.21 -16.38
N PRO B 213 -19.24 7.51 -17.43
CA PRO B 213 -18.56 7.66 -18.72
C PRO B 213 -18.80 8.99 -19.40
N SER B 214 -19.78 9.79 -18.98
CA SER B 214 -19.97 11.10 -19.58
C SER B 214 -18.99 12.14 -19.06
N HIS B 215 -18.39 11.92 -17.89
CA HIS B 215 -17.32 12.77 -17.40
C HIS B 215 -15.96 12.37 -17.97
N LEU B 216 -15.77 11.11 -18.32
CA LEU B 216 -14.53 10.71 -18.96
C LEU B 216 -14.34 11.41 -20.29
N GLU B 217 -15.40 11.53 -21.08
CA GLU B 217 -15.29 12.23 -22.35
C GLU B 217 -15.05 13.72 -22.16
N ARG B 218 -15.65 14.29 -21.13
CA ARG B 218 -15.48 15.70 -20.83
C ARG B 218 -14.02 15.98 -20.45
N VAL B 219 -13.42 15.07 -19.69
CA VAL B 219 -12.00 15.21 -19.35
C VAL B 219 -11.11 14.99 -20.55
N LEU B 220 -11.40 14.00 -21.40
CA LEU B 220 -10.59 13.75 -22.57
C LEU B 220 -10.56 14.94 -23.52
N ARG B 221 -11.73 15.50 -23.83
CA ARG B 221 -11.77 16.63 -24.75
C ARG B 221 -11.02 17.83 -24.22
N GLU B 222 -11.22 18.17 -22.96
CA GLU B 222 -10.51 19.29 -22.35
C GLU B 222 -9.01 19.08 -22.31
N GLN B 223 -8.55 17.85 -22.06
CA GLN B 223 -7.12 17.61 -22.03
C GLN B 223 -6.49 17.57 -23.40
N ILE B 224 -7.17 17.04 -24.42
CA ILE B 224 -6.59 17.02 -25.76
C ILE B 224 -6.61 18.39 -26.40
N ALA B 225 -7.65 19.19 -26.18
CA ALA B 225 -7.71 20.51 -26.78
C ALA B 225 -6.70 21.49 -26.19
N GLU B 226 -6.09 21.17 -25.06
CA GLU B 226 -5.16 22.09 -24.42
C GLU B 226 -3.70 21.70 -24.57
N GLY B 227 -3.36 20.44 -24.37
CA GLY B 227 -1.98 20.01 -24.39
C GLY B 227 -1.38 20.07 -23.00
N GLN B 228 -0.06 19.90 -22.96
CA GLN B 228 0.63 19.81 -21.69
C GLN B 228 0.53 21.13 -20.94
N PRO B 229 0.55 21.10 -19.61
CA PRO B 229 0.01 22.21 -18.81
C PRO B 229 0.50 23.63 -19.12
N ARG B 230 1.80 23.89 -19.07
CA ARG B 230 2.24 25.28 -19.22
C ARG B 230 2.67 25.58 -20.65
N THR B 231 3.34 24.63 -21.29
CA THR B 231 3.74 24.74 -22.68
C THR B 231 2.80 23.84 -23.47
N HIS B 232 1.93 24.43 -24.29
CA HIS B 232 0.83 23.63 -24.84
C HIS B 232 1.32 22.68 -25.92
N ARG B 233 2.18 21.90 -25.61
CA ARG B 233 2.68 20.83 -26.42
C ARG B 233 1.64 19.72 -26.53
N PRO B 234 1.59 19.01 -27.64
CA PRO B 234 0.72 17.84 -27.70
C PRO B 234 1.18 16.78 -26.72
N TRP B 235 0.23 16.02 -26.19
CA TRP B 235 0.56 14.87 -25.36
C TRP B 235 1.11 13.75 -26.22
N LYS B 236 2.08 13.01 -25.67
CA LYS B 236 2.59 11.86 -26.41
C LYS B 236 1.62 10.69 -26.38
N LYS B 237 1.03 10.40 -25.22
CA LYS B 237 0.14 9.27 -25.04
C LYS B 237 -0.96 9.68 -24.10
N ILE B 238 -2.02 8.88 -24.08
CA ILE B 238 -3.02 8.90 -23.03
C ILE B 238 -3.35 7.46 -22.69
N ILE B 239 -3.41 7.13 -21.40
CA ILE B 239 -3.82 5.82 -20.93
C ILE B 239 -4.96 6.00 -19.94
N VAL B 240 -6.05 5.29 -20.15
CA VAL B 240 -7.20 5.31 -19.26
C VAL B 240 -7.24 4.00 -18.49
N VAL B 241 -7.39 4.09 -17.17
CA VAL B 241 -7.29 2.94 -16.28
C VAL B 241 -8.63 2.76 -15.58
N VAL B 242 -9.18 1.54 -15.64
CA VAL B 242 -10.43 1.20 -15.01
C VAL B 242 -10.27 -0.15 -14.32
N GLU B 243 -11.29 -0.55 -13.56
CA GLU B 243 -11.28 -1.84 -12.88
C GLU B 243 -12.52 -2.63 -13.24
N GLY B 244 -12.35 -3.94 -13.35
CA GLY B 244 -13.43 -4.83 -13.72
C GLY B 244 -14.58 -4.83 -12.74
N ILE B 245 -14.27 -4.80 -11.45
CA ILE B 245 -15.28 -4.78 -10.41
C ILE B 245 -14.63 -4.08 -9.23
N TYR B 246 -15.41 -3.29 -8.49
CA TYR B 246 -14.85 -2.48 -7.40
C TYR B 246 -15.31 -3.08 -6.08
N SER B 247 -14.38 -3.59 -5.28
CA SER B 247 -14.73 -4.40 -4.13
C SER B 247 -15.41 -3.62 -3.00
N MET B 248 -14.89 -2.43 -2.67
CA MET B 248 -15.54 -1.61 -1.66
C MET B 248 -16.97 -1.25 -2.04
N GLU B 249 -17.24 -1.14 -3.33
CA GLU B 249 -18.56 -0.77 -3.82
C GLU B 249 -19.38 -1.95 -4.26
N GLY B 250 -18.72 -3.00 -4.75
CA GLY B 250 -19.44 -4.16 -5.23
C GLY B 250 -19.97 -4.07 -6.63
N GLU B 251 -19.60 -3.04 -7.39
CA GLU B 251 -20.21 -2.82 -8.69
C GLU B 251 -19.27 -3.12 -9.84
N ILE B 252 -19.87 -3.35 -11.00
CA ILE B 252 -19.19 -3.72 -12.23
C ILE B 252 -19.08 -2.48 -13.10
N CYS B 253 -17.94 -2.35 -13.78
CA CYS B 253 -17.66 -1.18 -14.61
C CYS B 253 -18.57 -1.12 -15.83
N HIS B 254 -18.79 0.10 -16.32
CA HIS B 254 -19.52 0.33 -17.56
C HIS B 254 -18.57 0.24 -18.75
N LEU B 255 -18.11 -0.97 -19.01
CA LEU B 255 -16.98 -1.18 -19.90
C LEU B 255 -17.27 -0.92 -21.38
N PRO B 256 -18.42 -1.33 -21.94
CA PRO B 256 -18.69 -0.98 -23.35
C PRO B 256 -18.68 0.51 -23.64
N GLU B 257 -19.24 1.31 -22.73
CA GLU B 257 -19.26 2.75 -22.92
C GLU B 257 -17.88 3.38 -22.79
N VAL B 258 -17.03 2.86 -21.92
CA VAL B 258 -15.65 3.34 -21.83
C VAL B 258 -14.88 3.01 -23.09
N VAL B 259 -14.98 1.77 -23.56
CA VAL B 259 -14.25 1.34 -24.73
C VAL B 259 -14.71 2.06 -25.99
N ALA B 260 -16.00 2.38 -26.10
CA ALA B 260 -16.44 3.17 -27.25
C ALA B 260 -15.83 4.57 -27.28
N ILE B 261 -15.72 5.23 -26.13
CA ILE B 261 -15.13 6.58 -26.07
C ILE B 261 -13.64 6.54 -26.34
N CYS B 262 -12.92 5.58 -25.74
CA CYS B 262 -11.48 5.53 -25.90
C CYS B 262 -11.07 5.31 -27.35
N LYS B 263 -11.82 4.51 -28.11
CA LYS B 263 -11.55 4.39 -29.54
C LYS B 263 -11.80 5.69 -30.28
N LYS B 264 -12.83 6.42 -29.89
CA LYS B 264 -13.15 7.68 -30.55
C LYS B 264 -12.03 8.69 -30.40
N TYR B 265 -11.45 8.80 -29.21
CA TYR B 265 -10.42 9.79 -28.95
C TYR B 265 -9.01 9.24 -28.99
N LYS B 266 -8.85 7.97 -29.33
CA LYS B 266 -7.56 7.35 -29.58
C LYS B 266 -6.71 7.23 -28.32
N ALA B 267 -7.35 6.82 -27.23
CA ALA B 267 -6.68 6.52 -25.98
C ALA B 267 -6.50 5.02 -25.83
N TYR B 268 -5.57 4.63 -24.96
CA TYR B 268 -5.30 3.23 -24.68
C TYR B 268 -5.99 2.82 -23.38
N VAL B 269 -6.46 1.57 -23.33
CA VAL B 269 -7.26 1.08 -22.21
C VAL B 269 -6.45 0.07 -21.41
N TYR B 270 -6.30 0.34 -20.12
CA TYR B 270 -5.64 -0.53 -19.17
C TYR B 270 -6.72 -1.04 -18.22
N LEU B 271 -6.90 -2.34 -18.16
CA LEU B 271 -7.98 -2.96 -17.39
C LEU B 271 -7.39 -3.80 -16.27
N ASP B 272 -7.80 -3.51 -15.04
CA ASP B 272 -7.38 -4.25 -13.86
C ASP B 272 -8.59 -5.06 -13.39
N GLU B 273 -8.49 -6.38 -13.50
CA GLU B 273 -9.59 -7.26 -13.14
C GLU B 273 -9.10 -8.36 -12.21
N ALA B 274 -8.94 -8.00 -10.94
CA ALA B 274 -8.48 -8.95 -9.94
C ALA B 274 -9.60 -9.56 -9.14
N HIS B 275 -10.71 -8.84 -8.95
CA HIS B 275 -11.86 -9.37 -8.26
C HIS B 275 -12.88 -9.96 -9.21
N SER B 276 -12.54 -10.12 -10.48
CA SER B 276 -13.51 -10.60 -11.44
C SER B 276 -13.03 -11.69 -12.38
N ILE B 277 -11.75 -12.10 -12.35
CA ILE B 277 -11.29 -13.02 -13.38
C ILE B 277 -11.89 -14.41 -13.23
N GLY B 278 -12.08 -14.92 -12.03
CA GLY B 278 -12.69 -16.23 -11.93
C GLY B 278 -14.14 -16.19 -11.52
N ALA B 279 -14.51 -15.15 -10.79
CA ALA B 279 -15.83 -15.05 -10.18
C ALA B 279 -16.95 -14.95 -11.20
N ILE B 280 -16.93 -13.91 -12.03
CA ILE B 280 -18.04 -13.66 -12.93
C ILE B 280 -17.72 -14.22 -14.32
N GLY B 281 -18.77 -14.37 -15.11
CA GLY B 281 -18.66 -14.96 -16.43
C GLY B 281 -19.27 -16.34 -16.45
N LYS B 282 -19.91 -16.68 -17.57
CA LYS B 282 -20.60 -17.96 -17.66
C LYS B 282 -19.65 -19.14 -17.54
N THR B 283 -18.48 -19.03 -18.17
CA THR B 283 -17.42 -20.03 -18.04
C THR B 283 -16.27 -19.51 -17.19
N GLY B 284 -16.51 -18.45 -16.42
CA GLY B 284 -15.50 -17.85 -15.58
C GLY B 284 -14.39 -17.13 -16.31
N LYS B 285 -14.70 -16.43 -17.39
CA LYS B 285 -13.71 -15.70 -18.16
C LYS B 285 -13.67 -14.22 -17.85
N GLY B 286 -14.36 -13.78 -16.81
CA GLY B 286 -14.27 -12.41 -16.37
C GLY B 286 -15.34 -11.51 -16.95
N ILE B 287 -15.04 -10.21 -16.93
CA ILE B 287 -15.99 -9.17 -17.30
C ILE B 287 -16.19 -9.04 -18.81
N CYS B 288 -15.19 -9.40 -19.61
CA CYS B 288 -15.36 -9.33 -21.05
C CYS B 288 -16.33 -10.37 -21.57
N GLU B 289 -16.34 -11.56 -20.98
CA GLU B 289 -17.33 -12.56 -21.34
C GLU B 289 -18.72 -12.22 -20.82
N LEU B 290 -18.83 -11.54 -19.70
CA LEU B 290 -20.13 -11.18 -19.17
C LEU B 290 -20.77 -10.04 -19.94
N LEU B 291 -20.00 -9.00 -20.24
CA LEU B 291 -20.54 -7.82 -20.92
C LEU B 291 -20.36 -7.87 -22.43
N GLY B 292 -19.83 -8.96 -22.97
CA GLY B 292 -19.72 -9.10 -24.41
C GLY B 292 -18.75 -8.12 -25.05
N VAL B 293 -17.73 -7.69 -24.33
CA VAL B 293 -16.73 -6.80 -24.88
C VAL B 293 -15.70 -7.62 -25.64
N ASP B 294 -15.32 -7.14 -26.81
CA ASP B 294 -14.32 -7.85 -27.60
C ASP B 294 -12.94 -7.63 -27.00
N THR B 295 -12.24 -8.73 -26.70
CA THR B 295 -11.01 -8.66 -25.94
C THR B 295 -9.88 -8.00 -26.71
N ALA B 296 -10.05 -7.78 -28.00
CA ALA B 296 -9.09 -7.05 -28.81
C ALA B 296 -9.26 -5.54 -28.69
N ASP B 297 -10.25 -5.09 -27.95
CA ASP B 297 -10.49 -3.66 -27.77
C ASP B 297 -9.77 -3.09 -26.55
N VAL B 298 -9.12 -3.93 -25.74
CA VAL B 298 -8.31 -3.46 -24.61
C VAL B 298 -6.86 -3.79 -24.93
N ASP B 299 -5.95 -2.89 -24.54
CA ASP B 299 -4.56 -3.04 -24.95
C ASP B 299 -3.76 -3.82 -23.92
N VAL B 300 -3.93 -3.50 -22.64
CA VAL B 300 -3.28 -4.22 -21.56
C VAL B 300 -4.36 -4.77 -20.64
N MET B 301 -4.18 -6.01 -20.21
CA MET B 301 -5.11 -6.67 -19.31
C MET B 301 -4.31 -7.29 -18.17
N MET B 302 -4.69 -6.99 -16.93
CA MET B 302 -3.92 -7.40 -15.77
C MET B 302 -4.83 -8.15 -14.82
N GLY B 303 -4.25 -9.02 -13.99
CA GLY B 303 -5.04 -9.80 -13.06
C GLY B 303 -4.18 -10.27 -11.91
N THR B 304 -4.83 -10.93 -10.96
CA THR B 304 -4.19 -11.46 -9.77
C THR B 304 -4.66 -12.89 -9.56
N PHE B 305 -3.84 -13.70 -8.89
CA PHE B 305 -4.16 -15.10 -8.63
C PHE B 305 -4.55 -15.35 -7.18
N THR B 306 -5.00 -14.33 -6.48
CA THR B 306 -5.23 -14.44 -5.05
C THR B 306 -6.68 -14.67 -4.68
N LYS B 307 -7.63 -14.10 -5.43
CA LYS B 307 -9.02 -14.14 -5.05
C LYS B 307 -9.76 -15.39 -5.49
N SER B 308 -9.35 -16.06 -6.56
CA SER B 308 -10.14 -17.16 -7.04
C SER B 308 -9.36 -18.45 -7.14
N PHE B 309 -8.05 -18.36 -7.38
CA PHE B 309 -7.24 -19.54 -7.64
C PHE B 309 -6.47 -20.02 -6.42
N GLY B 310 -6.59 -19.34 -5.29
CA GLY B 310 -5.96 -19.77 -4.07
C GLY B 310 -4.44 -19.82 -4.10
N SER B 311 -3.81 -18.81 -4.67
CA SER B 311 -2.35 -18.79 -4.83
C SER B 311 -1.81 -17.38 -4.68
N CYS B 312 -0.63 -17.11 -5.21
CA CYS B 312 -0.04 -15.78 -5.16
C CYS B 312 0.53 -15.42 -6.52
N GLY B 313 0.43 -14.15 -6.89
CA GLY B 313 1.03 -13.66 -8.11
C GLY B 313 0.07 -12.83 -8.93
N GLY B 314 0.57 -12.37 -10.07
CA GLY B 314 -0.23 -11.61 -11.00
C GLY B 314 0.27 -11.83 -12.41
N TYR B 315 -0.48 -11.30 -13.38
CA TYR B 315 -0.14 -11.49 -14.77
C TYR B 315 -0.50 -10.23 -15.55
N ILE B 316 0.16 -10.07 -16.69
CA ILE B 316 -0.19 -9.08 -17.72
C ILE B 316 -0.46 -9.84 -19.00
N ALA B 317 -1.58 -9.56 -19.65
CA ALA B 317 -1.90 -10.16 -20.94
C ALA B 317 -2.06 -9.08 -21.99
N GLY B 318 -1.54 -9.32 -23.17
CA GLY B 318 -1.56 -8.35 -24.25
C GLY B 318 -1.13 -9.02 -25.53
N SER B 319 -0.47 -8.25 -26.39
CA SER B 319 -0.02 -8.75 -27.67
C SER B 319 1.39 -9.33 -27.58
N LYS B 320 1.89 -9.86 -28.69
CA LYS B 320 3.23 -10.45 -28.70
C LYS B 320 4.31 -9.38 -28.49
N GLU B 321 4.15 -8.23 -29.14
CA GLU B 321 5.15 -7.18 -29.05
C GLU B 321 5.23 -6.61 -27.64
N LEU B 322 4.08 -6.41 -27.00
CA LEU B 322 4.07 -5.87 -25.65
C LEU B 322 4.84 -6.78 -24.69
N ILE B 323 4.60 -8.07 -24.78
CA ILE B 323 5.26 -9.02 -23.90
C ILE B 323 6.75 -9.13 -24.20
N GLN B 324 7.13 -9.11 -25.47
CA GLN B 324 8.55 -9.11 -25.78
C GLN B 324 9.26 -7.87 -25.26
N TYR B 325 8.60 -6.72 -25.31
CA TYR B 325 9.18 -5.50 -24.75
C TYR B 325 9.30 -5.57 -23.24
N LEU B 326 8.25 -6.03 -22.56
CA LEU B 326 8.30 -6.13 -21.10
C LEU B 326 9.37 -7.09 -20.63
N LYS B 327 9.52 -8.25 -21.25
CA LYS B 327 10.54 -9.20 -20.87
C LYS B 327 11.95 -8.71 -21.18
N HIS B 328 12.09 -7.50 -21.67
CA HIS B 328 13.39 -6.90 -21.90
C HIS B 328 13.63 -5.65 -21.09
N GLN B 329 12.59 -4.91 -20.71
CA GLN B 329 12.79 -3.68 -19.96
C GLN B 329 12.06 -3.60 -18.64
N CYS B 330 11.49 -4.66 -18.15
CA CYS B 330 10.68 -4.49 -16.94
C CYS B 330 11.51 -4.79 -15.69
N PRO B 331 11.51 -3.92 -14.69
CA PRO B 331 12.31 -4.16 -13.48
C PRO B 331 11.90 -5.39 -12.70
N ALA B 332 10.61 -5.74 -12.70
CA ALA B 332 10.16 -6.90 -11.96
C ALA B 332 10.63 -8.19 -12.62
N HIS B 333 10.74 -8.20 -13.94
CA HIS B 333 11.22 -9.38 -14.64
C HIS B 333 12.74 -9.52 -14.53
N LEU B 334 13.45 -8.41 -14.52
CA LEU B 334 14.91 -8.42 -14.50
C LEU B 334 15.51 -8.54 -13.11
N TYR B 335 14.86 -8.01 -12.08
CA TYR B 335 15.50 -7.85 -10.78
C TYR B 335 14.92 -8.70 -9.68
N ALA B 336 13.69 -9.15 -9.81
CA ALA B 336 13.04 -9.85 -8.71
C ALA B 336 13.31 -11.35 -8.78
N THR B 337 12.76 -12.08 -7.82
CA THR B 337 12.84 -13.53 -7.80
C THR B 337 11.59 -14.11 -8.45
N SER B 338 11.76 -15.20 -9.19
CA SER B 338 10.64 -15.78 -9.92
C SER B 338 9.59 -16.31 -8.97
N ILE B 339 8.38 -16.49 -9.48
CA ILE B 339 7.26 -17.00 -8.70
C ILE B 339 7.60 -18.42 -8.27
N PRO B 340 7.35 -18.80 -7.01
CA PRO B 340 7.78 -20.11 -6.54
C PRO B 340 7.08 -21.24 -7.29
N THR B 341 7.78 -22.34 -7.49
CA THR B 341 7.28 -23.43 -8.32
C THR B 341 6.04 -24.12 -7.77
N PRO B 342 5.98 -24.50 -6.49
CA PRO B 342 4.73 -25.07 -5.97
C PRO B 342 3.57 -24.09 -5.97
N SER B 343 3.82 -22.80 -6.04
CA SER B 343 2.75 -21.81 -6.12
C SER B 343 2.29 -21.56 -7.55
N ALA B 344 3.05 -22.02 -8.54
CA ALA B 344 2.62 -21.98 -9.93
C ALA B 344 1.91 -23.26 -10.36
N GLN B 345 2.31 -24.39 -9.78
CA GLN B 345 1.54 -25.61 -9.99
C GLN B 345 0.10 -25.47 -9.54
N GLN B 346 -0.14 -24.70 -8.47
CA GLN B 346 -1.49 -24.43 -8.01
C GLN B 346 -2.34 -23.77 -9.08
N ILE B 347 -1.82 -22.71 -9.71
CA ILE B 347 -2.57 -22.00 -10.73
C ILE B 347 -2.79 -22.87 -11.95
N ILE B 348 -1.79 -23.67 -12.35
CA ILE B 348 -1.99 -24.58 -13.46
C ILE B 348 -3.15 -25.53 -13.19
N SER B 349 -3.15 -26.17 -12.02
CA SER B 349 -4.19 -27.14 -11.70
C SER B 349 -5.56 -26.49 -11.54
N ALA B 350 -5.63 -25.31 -10.94
CA ALA B 350 -6.91 -24.60 -10.82
C ALA B 350 -7.50 -24.26 -12.17
N ILE B 351 -6.67 -23.79 -13.12
CA ILE B 351 -7.15 -23.55 -14.47
C ILE B 351 -7.62 -24.84 -15.13
N LYS B 352 -6.90 -25.94 -14.95
CA LYS B 352 -7.39 -27.20 -15.49
C LYS B 352 -8.72 -27.64 -14.89
N VAL B 353 -8.97 -27.38 -13.61
CA VAL B 353 -10.26 -27.75 -13.05
C VAL B 353 -11.37 -26.87 -13.60
N ILE B 354 -11.14 -25.56 -13.71
CA ILE B 354 -12.19 -24.68 -14.24
C ILE B 354 -12.50 -25.00 -15.69
N LEU B 355 -11.47 -25.18 -16.51
CA LEU B 355 -11.70 -25.44 -17.92
C LEU B 355 -12.34 -26.81 -18.17
N GLY B 356 -12.35 -27.67 -17.16
CA GLY B 356 -12.93 -28.99 -17.27
C GLY B 356 -12.00 -30.06 -17.76
N GLU B 357 -10.69 -29.83 -17.75
CA GLU B 357 -9.70 -30.74 -18.31
C GLU B 357 -9.08 -31.67 -17.28
N ASP B 358 -9.65 -31.73 -16.08
CA ASP B 358 -9.18 -32.70 -15.10
C ASP B 358 -9.91 -34.03 -15.21
N GLY B 359 -10.91 -34.11 -16.08
CA GLY B 359 -11.70 -35.32 -16.20
C GLY B 359 -12.72 -35.44 -15.08
N SER B 360 -13.49 -34.38 -14.86
CA SER B 360 -14.45 -34.36 -13.77
C SER B 360 -15.50 -33.29 -14.06
N ASN B 361 -16.40 -33.07 -13.12
CA ASN B 361 -17.46 -32.08 -13.26
C ASN B 361 -17.50 -31.10 -12.11
N ARG B 362 -16.46 -31.06 -11.28
CA ARG B 362 -16.43 -30.14 -10.15
C ARG B 362 -16.29 -28.69 -10.58
N GLY B 363 -15.63 -28.44 -11.71
CA GLY B 363 -15.38 -27.08 -12.16
C GLY B 363 -16.61 -26.36 -12.64
N ALA B 364 -17.64 -27.08 -13.09
CA ALA B 364 -18.89 -26.44 -13.46
C ALA B 364 -19.81 -26.26 -12.27
N GLN B 365 -19.78 -27.18 -11.32
CA GLN B 365 -20.51 -27.03 -10.07
C GLN B 365 -20.02 -25.85 -9.26
N LYS B 366 -18.71 -25.60 -9.22
CA LYS B 366 -18.23 -24.39 -8.54
C LYS B 366 -18.80 -23.12 -9.16
N LEU B 367 -18.80 -23.04 -10.48
CA LEU B 367 -19.29 -21.84 -11.15
C LEU B 367 -20.78 -21.68 -11.01
N ALA B 368 -21.53 -22.78 -10.95
CA ALA B 368 -22.96 -22.69 -10.70
C ALA B 368 -23.30 -22.38 -9.25
N ARG B 369 -22.48 -22.81 -8.30
CA ARG B 369 -22.72 -22.47 -6.89
C ARG B 369 -22.38 -21.04 -6.55
N ILE B 370 -21.31 -20.48 -7.10
CA ILE B 370 -21.01 -19.08 -6.76
C ILE B 370 -22.08 -18.13 -7.31
N ARG B 371 -22.61 -18.39 -8.49
CA ARG B 371 -23.70 -17.56 -9.02
C ARG B 371 -24.97 -17.70 -8.20
N GLU B 372 -25.30 -18.91 -7.77
CA GLU B 372 -26.51 -19.16 -7.03
C GLU B 372 -26.48 -18.62 -5.60
N ASN B 373 -25.33 -18.73 -4.91
CA ASN B 373 -25.25 -18.34 -3.51
C ASN B 373 -25.36 -16.84 -3.33
N SER B 374 -24.62 -16.07 -4.12
CA SER B 374 -24.58 -14.64 -3.95
C SER B 374 -25.88 -13.97 -4.37
N ASN B 375 -26.55 -14.48 -5.40
CA ASN B 375 -27.86 -13.93 -5.75
C ASN B 375 -28.87 -14.10 -4.63
N PHE B 376 -28.92 -15.28 -4.04
CA PHE B 376 -29.80 -15.57 -2.91
C PHE B 376 -29.50 -14.71 -1.70
N PHE B 377 -28.23 -14.58 -1.33
CA PHE B 377 -27.87 -13.74 -0.20
C PHE B 377 -28.23 -12.28 -0.44
N ARG B 378 -27.92 -11.76 -1.62
CA ARG B 378 -28.20 -10.36 -1.91
C ARG B 378 -29.69 -10.08 -1.97
N ALA B 379 -30.48 -11.01 -2.51
CA ALA B 379 -31.92 -10.83 -2.54
C ALA B 379 -32.57 -11.00 -1.18
N GLU B 380 -31.95 -11.76 -0.29
CA GLU B 380 -32.47 -11.91 1.07
C GLU B 380 -32.17 -10.71 1.94
N LEU B 381 -30.99 -10.10 1.80
CA LEU B 381 -30.69 -8.93 2.60
C LEU B 381 -31.61 -7.76 2.26
N GLN B 382 -31.89 -7.55 0.98
CA GLN B 382 -32.61 -6.35 0.57
C GLN B 382 -34.06 -6.35 1.03
N LYS B 383 -34.68 -7.51 1.17
CA LYS B 383 -36.06 -7.48 1.65
C LYS B 383 -36.18 -7.35 3.16
N MET B 384 -35.07 -7.40 3.89
CA MET B 384 -35.11 -7.17 5.33
C MET B 384 -35.01 -5.69 5.69
N GLY B 385 -34.41 -4.88 4.84
CA GLY B 385 -34.28 -3.46 5.09
C GLY B 385 -32.87 -2.93 5.04
N PHE B 386 -31.88 -3.77 4.80
CA PHE B 386 -30.51 -3.30 4.72
C PHE B 386 -30.30 -2.54 3.42
N GLU B 387 -29.35 -1.62 3.47
CA GLU B 387 -28.88 -0.93 2.26
C GLU B 387 -27.64 -1.66 1.76
N VAL B 388 -27.79 -2.39 0.66
CA VAL B 388 -26.75 -3.25 0.14
C VAL B 388 -26.27 -2.68 -1.19
N LEU B 389 -24.98 -2.51 -1.34
CA LEU B 389 -24.41 -2.02 -2.59
C LEU B 389 -24.03 -3.18 -3.48
N GLY B 390 -23.85 -2.90 -4.76
CA GLY B 390 -23.42 -3.91 -5.71
C GLY B 390 -24.42 -4.06 -6.83
N ASP B 391 -23.98 -4.74 -7.89
CA ASP B 391 -24.91 -4.79 -9.01
C ASP B 391 -25.92 -5.93 -8.96
N ASN B 392 -25.56 -7.12 -9.40
CA ASN B 392 -26.41 -8.27 -9.15
C ASN B 392 -25.59 -9.54 -9.14
N ASP B 393 -24.47 -9.50 -9.84
CA ASP B 393 -23.73 -10.69 -10.18
C ASP B 393 -22.40 -10.76 -9.43
N SER B 394 -22.10 -9.73 -8.63
CA SER B 394 -20.88 -9.70 -7.87
C SER B 394 -20.93 -10.69 -6.72
N PRO B 395 -19.80 -11.19 -6.25
CA PRO B 395 -19.77 -11.97 -5.01
C PRO B 395 -19.47 -11.16 -3.76
N VAL B 396 -19.23 -9.86 -3.87
CA VAL B 396 -18.95 -8.99 -2.74
C VAL B 396 -20.08 -7.99 -2.62
N MET B 397 -20.50 -7.72 -1.39
CA MET B 397 -21.73 -6.97 -1.15
C MET B 397 -21.65 -6.23 0.18
N PRO B 398 -21.24 -4.97 0.17
CA PRO B 398 -21.18 -4.19 1.40
C PRO B 398 -22.54 -3.80 1.95
N ILE B 399 -22.54 -3.53 3.25
CA ILE B 399 -23.72 -3.11 3.99
C ILE B 399 -23.39 -1.78 4.64
N MET B 400 -24.22 -0.78 4.42
CA MET B 400 -23.99 0.55 4.96
C MET B 400 -24.28 0.60 6.46
N LEU B 401 -23.34 1.14 7.23
CA LEU B 401 -23.50 1.36 8.67
C LEU B 401 -23.61 2.82 9.04
N TYR B 402 -22.79 3.68 8.44
CA TYR B 402 -22.80 5.14 8.50
C TYR B 402 -22.28 5.74 9.80
N ASN B 403 -22.40 5.06 10.92
CA ASN B 403 -22.09 5.68 12.20
C ASN B 403 -20.80 5.07 12.74
N PRO B 404 -19.81 5.87 13.12
CA PRO B 404 -18.51 5.29 13.47
C PRO B 404 -18.56 4.31 14.63
N ALA B 405 -19.50 4.46 15.57
CA ALA B 405 -19.56 3.56 16.70
C ALA B 405 -20.34 2.28 16.40
N LYS B 406 -20.95 2.20 15.23
CA LYS B 406 -21.64 0.99 14.81
C LYS B 406 -20.71 -0.03 14.15
N ILE B 407 -19.44 0.32 13.96
CA ILE B 407 -18.43 -0.61 13.45
C ILE B 407 -18.09 -1.63 14.53
N PRO B 408 -17.58 -1.23 15.71
CA PRO B 408 -17.29 -2.24 16.73
C PRO B 408 -18.51 -2.97 17.21
N ALA B 409 -19.67 -2.31 17.29
CA ALA B 409 -20.87 -2.97 17.75
C ALA B 409 -21.27 -4.10 16.80
N PHE B 410 -21.32 -3.81 15.50
CA PHE B 410 -21.66 -4.84 14.54
C PHE B 410 -20.66 -5.98 14.55
N SER B 411 -19.37 -5.66 14.52
CA SER B 411 -18.36 -6.72 14.48
C SER B 411 -18.38 -7.58 15.72
N ARG B 412 -18.46 -6.97 16.91
CA ARG B 412 -18.40 -7.71 18.15
C ARG B 412 -19.68 -8.46 18.45
N GLU B 413 -20.83 -7.99 17.99
CA GLU B 413 -22.03 -8.80 18.15
C GLU B 413 -22.12 -9.94 17.16
N CYS B 414 -21.54 -9.79 15.97
CA CYS B 414 -21.50 -10.94 15.08
C CYS B 414 -20.52 -12.01 15.58
N LEU B 415 -19.35 -11.61 16.06
CA LEU B 415 -18.36 -12.59 16.46
C LEU B 415 -18.78 -13.41 17.67
N ARG B 416 -19.56 -12.82 18.57
CA ARG B 416 -20.02 -13.56 19.75
C ARG B 416 -20.94 -14.71 19.36
N GLN B 417 -21.58 -14.63 18.20
CA GLN B 417 -22.45 -15.68 17.69
C GLN B 417 -21.84 -16.43 16.52
N LYS B 418 -20.52 -16.42 16.41
CA LYS B 418 -19.74 -17.24 15.48
C LYS B 418 -20.03 -16.90 14.02
N VAL B 419 -19.84 -15.63 13.67
CA VAL B 419 -19.83 -15.18 12.28
C VAL B 419 -18.71 -14.14 12.17
N ALA B 420 -17.84 -14.29 11.18
CA ALA B 420 -16.68 -13.41 11.05
C ALA B 420 -16.81 -12.52 9.82
N VAL B 421 -16.72 -11.21 10.01
CA VAL B 421 -16.95 -10.23 8.96
C VAL B 421 -15.79 -9.23 8.94
N VAL B 422 -15.82 -8.34 7.96
CA VAL B 422 -14.88 -7.24 7.81
C VAL B 422 -15.64 -5.92 7.87
N VAL B 423 -15.09 -4.95 8.60
CA VAL B 423 -15.64 -3.60 8.68
C VAL B 423 -14.53 -2.62 8.36
N VAL B 424 -14.89 -1.48 7.77
CA VAL B 424 -13.92 -0.43 7.41
C VAL B 424 -14.51 0.94 7.73
N GLY B 425 -13.64 1.85 8.18
CA GLY B 425 -14.07 3.15 8.66
C GLY B 425 -13.51 4.33 7.88
N PHE B 426 -13.40 5.46 8.56
CA PHE B 426 -12.99 6.75 7.97
C PHE B 426 -11.80 6.92 7.00
N PRO B 427 -10.56 6.85 7.51
CA PRO B 427 -9.36 7.07 6.70
C PRO B 427 -9.37 6.33 5.37
N ALA B 428 -9.92 5.13 5.38
CA ALA B 428 -10.01 4.30 4.18
C ALA B 428 -11.27 4.54 3.36
N THR B 429 -12.27 5.25 3.88
CA THR B 429 -13.48 5.56 3.13
C THR B 429 -13.75 7.05 3.25
N PRO B 430 -14.77 7.61 2.59
CA PRO B 430 -15.25 8.93 2.98
C PRO B 430 -15.82 8.93 4.39
N LEU B 431 -15.94 10.14 4.95
CA LEU B 431 -16.29 10.29 6.36
C LEU B 431 -17.63 9.65 6.68
N LEU B 432 -18.61 9.88 5.82
CA LEU B 432 -19.99 9.52 6.11
C LEU B 432 -20.30 8.04 5.86
N LEU B 433 -19.38 7.28 5.27
CA LEU B 433 -19.77 6.06 4.59
C LEU B 433 -19.05 4.80 5.06
N ALA B 434 -19.00 4.57 6.36
CA ALA B 434 -18.48 3.31 6.88
C ALA B 434 -19.40 2.15 6.53
N ARG B 435 -18.81 0.97 6.32
CA ARG B 435 -19.54 -0.16 5.79
C ARG B 435 -18.92 -1.47 6.28
N ALA B 436 -19.53 -2.58 5.87
CA ALA B 436 -19.05 -3.91 6.19
C ALA B 436 -19.11 -4.75 4.92
N ARG B 437 -17.98 -5.28 4.46
CA ARG B 437 -18.03 -6.14 3.27
C ARG B 437 -18.38 -7.57 3.64
N ILE B 438 -19.13 -8.21 2.76
CA ILE B 438 -19.47 -9.62 2.84
C ILE B 438 -18.91 -10.29 1.60
N CYS B 439 -18.14 -11.35 1.76
CA CYS B 439 -17.62 -12.11 0.63
C CYS B 439 -18.26 -13.49 0.62
N ILE B 440 -18.95 -13.81 -0.43
CA ILE B 440 -19.59 -15.11 -0.56
C ILE B 440 -18.65 -16.04 -1.32
N SER B 441 -18.63 -17.30 -0.91
CA SER B 441 -17.78 -18.33 -1.50
C SER B 441 -18.64 -19.41 -2.15
N ALA B 442 -18.04 -20.15 -3.07
CA ALA B 442 -18.71 -21.28 -3.68
C ALA B 442 -18.70 -22.51 -2.80
N SER B 443 -17.96 -22.48 -1.70
CA SER B 443 -17.90 -23.56 -0.74
C SER B 443 -18.90 -23.41 0.40
N HIS B 444 -19.60 -22.29 0.49
CA HIS B 444 -20.65 -22.12 1.47
C HIS B 444 -21.87 -22.95 1.09
N SER B 445 -22.49 -23.59 2.07
CA SER B 445 -23.69 -24.37 1.79
C SER B 445 -24.94 -23.52 2.03
N ARG B 446 -26.09 -24.07 1.64
CA ARG B 446 -27.35 -23.38 1.84
C ARG B 446 -27.74 -23.26 3.31
N GLU B 447 -27.46 -24.27 4.12
CA GLU B 447 -27.80 -24.19 5.53
C GLU B 447 -26.73 -23.49 6.38
N ASP B 448 -25.66 -23.01 5.77
CA ASP B 448 -24.80 -22.02 6.41
C ASP B 448 -25.30 -20.61 6.20
N LEU B 449 -25.78 -20.30 5.00
CA LEU B 449 -26.24 -18.96 4.69
C LEU B 449 -27.50 -18.59 5.45
N ILE B 450 -28.37 -19.57 5.70
CA ILE B 450 -29.57 -19.31 6.49
C ILE B 450 -29.21 -18.97 7.95
N ARG B 451 -28.18 -19.62 8.47
CA ARG B 451 -27.71 -19.33 9.81
C ARG B 451 -27.09 -17.94 9.85
N ALA B 452 -26.26 -17.60 8.86
CA ALA B 452 -25.67 -16.27 8.81
C ALA B 452 -26.71 -15.18 8.70
N LEU B 453 -27.74 -15.38 7.85
CA LEU B 453 -28.81 -14.41 7.71
C LEU B 453 -29.63 -14.26 8.98
N LYS B 454 -29.91 -15.36 9.67
CA LYS B 454 -30.59 -15.31 10.95
C LYS B 454 -29.82 -14.54 12.01
N VAL B 455 -28.50 -14.71 12.08
CA VAL B 455 -27.69 -13.91 13.00
C VAL B 455 -27.67 -12.43 12.61
N ILE B 456 -27.43 -12.14 11.33
CA ILE B 456 -27.31 -10.77 10.89
C ILE B 456 -28.61 -9.99 11.05
N SER B 457 -29.76 -10.65 10.91
CA SER B 457 -31.03 -9.98 11.17
C SER B 457 -31.13 -9.49 12.62
N LYS B 458 -30.80 -10.35 13.58
CA LYS B 458 -30.86 -9.98 14.97
C LYS B 458 -29.90 -8.84 15.28
N VAL B 459 -28.67 -8.95 14.82
CA VAL B 459 -27.69 -7.89 15.06
C VAL B 459 -28.11 -6.57 14.43
N GLY B 460 -28.70 -6.61 13.24
CA GLY B 460 -29.17 -5.38 12.61
C GLY B 460 -30.39 -4.78 13.26
N ASP B 461 -31.20 -5.59 13.94
CA ASP B 461 -32.29 -5.02 14.74
C ASP B 461 -31.73 -4.21 15.89
N LEU B 462 -30.72 -4.74 16.58
CA LEU B 462 -30.16 -4.10 17.75
C LEU B 462 -29.41 -2.82 17.39
N SER B 463 -28.54 -2.90 16.38
CA SER B 463 -27.77 -1.72 16.00
C SER B 463 -28.63 -0.67 15.30
N GLY B 464 -29.71 -1.08 14.65
CA GLY B 464 -30.56 -0.13 13.94
C GLY B 464 -30.03 0.27 12.59
N ILE B 465 -29.56 -0.70 11.81
CA ILE B 465 -29.01 -0.43 10.50
C ILE B 465 -29.96 -0.86 9.38
N LYS B 466 -31.23 -1.07 9.70
CA LYS B 466 -32.24 -1.36 8.68
C LYS B 466 -32.84 -0.04 8.23
N TYR B 467 -32.18 0.59 7.27
CA TYR B 467 -32.51 1.95 6.86
C TYR B 467 -33.67 2.03 5.89
N PHE B 468 -34.13 0.91 5.34
CA PHE B 468 -35.21 0.89 4.38
C PHE B 468 -36.35 0.03 4.89
N PRO B 469 -37.56 0.23 4.40
CA PRO B 469 -38.67 -0.63 4.79
C PRO B 469 -38.49 -2.06 4.29
N ALA B 470 -38.98 -2.99 5.10
CA ALA B 470 -38.96 -4.41 4.75
C ALA B 470 -40.07 -4.74 3.76
N GLU B 471 -40.40 -6.01 3.63
CA GLU B 471 -41.43 -6.44 2.69
C GLU B 471 -42.58 -7.16 3.40
N PRO C 11 -14.54 18.38 -10.86
CA PRO C 11 -13.84 17.11 -10.70
C PRO C 11 -13.81 16.64 -9.24
N PRO C 12 -13.59 15.34 -9.03
CA PRO C 12 -13.48 14.82 -7.67
C PRO C 12 -12.28 15.41 -6.93
N ASP C 13 -12.37 15.43 -5.60
CA ASP C 13 -11.46 16.25 -4.81
C ASP C 13 -10.10 15.59 -4.61
N MET C 14 -10.09 14.32 -4.21
CA MET C 14 -8.85 13.53 -4.05
C MET C 14 -8.01 14.00 -2.88
N ASN C 15 -8.65 14.50 -1.84
CA ASN C 15 -7.95 14.90 -0.62
C ASN C 15 -8.91 14.69 0.54
N ARG C 16 -8.64 13.70 1.37
CA ARG C 16 -9.48 13.37 2.50
C ARG C 16 -9.59 14.51 3.51
N ASN C 17 -8.62 15.42 3.48
CA ASN C 17 -8.62 16.53 4.42
C ASN C 17 -9.71 17.55 4.12
N THR C 18 -10.23 17.56 2.89
CA THR C 18 -11.26 18.52 2.55
C THR C 18 -12.48 17.94 1.85
N GLU C 19 -12.40 16.74 1.28
CA GLU C 19 -13.48 16.27 0.42
C GLU C 19 -14.77 16.02 1.17
N TRP C 20 -14.72 15.84 2.48
CA TRP C 20 -15.90 15.53 3.28
C TRP C 20 -16.86 16.69 3.38
N PHE C 21 -16.36 17.90 3.14
CA PHE C 21 -17.14 19.14 3.33
C PHE C 21 -18.16 19.47 2.27
N MET C 22 -18.44 18.50 1.39
CA MET C 22 -19.40 18.70 0.32
C MET C 22 -20.65 17.82 0.42
N TYR C 23 -20.68 16.93 1.40
CA TYR C 23 -21.81 16.05 1.59
C TYR C 23 -22.94 16.77 2.32
N PRO C 24 -24.17 16.26 2.25
CA PRO C 24 -25.28 16.98 2.87
C PRO C 24 -25.30 16.84 4.39
N GLY C 25 -25.83 17.86 5.04
CA GLY C 25 -25.93 17.89 6.47
C GLY C 25 -24.83 18.66 7.18
N VAL C 26 -23.94 19.32 6.45
CA VAL C 26 -22.77 19.93 7.07
C VAL C 26 -23.06 21.34 7.56
N TRP C 27 -23.77 22.15 6.78
CA TRP C 27 -24.22 23.45 7.26
C TRP C 27 -25.18 23.32 8.43
N THR C 28 -26.11 22.38 8.36
CA THR C 28 -27.05 22.13 9.42
C THR C 28 -26.38 21.71 10.72
N THR C 29 -25.39 20.83 10.65
CA THR C 29 -24.63 20.45 11.83
C THR C 29 -23.75 21.57 12.36
N TYR C 30 -23.18 22.38 11.47
CA TYR C 30 -22.45 23.57 11.92
C TYR C 30 -23.33 24.47 12.76
N MET C 31 -24.56 24.72 12.32
CA MET C 31 -25.46 25.55 13.11
C MET C 31 -25.96 24.87 14.38
N LEU C 32 -26.22 23.56 14.33
CA LEU C 32 -26.71 22.85 15.50
C LEU C 32 -25.67 22.79 16.61
N ILE C 33 -24.39 22.66 16.25
CA ILE C 33 -23.35 22.65 17.27
C ILE C 33 -23.32 23.98 18.01
N LEU C 34 -23.49 25.08 17.28
CA LEU C 34 -23.47 26.40 17.90
C LEU C 34 -24.71 26.66 18.75
N PHE C 35 -25.87 26.13 18.39
CA PHE C 35 -27.02 26.22 19.30
C PHE C 35 -26.87 25.35 20.53
N PHE C 36 -26.31 24.15 20.38
CA PHE C 36 -26.08 23.26 21.50
C PHE C 36 -25.07 23.86 22.48
N GLY C 37 -24.02 24.50 21.97
CA GLY C 37 -23.05 25.13 22.85
C GLY C 37 -23.64 26.24 23.68
N TRP C 38 -24.53 27.03 23.09
CA TRP C 38 -25.22 28.09 23.83
C TRP C 38 -26.09 27.51 24.92
N LEU C 39 -26.85 26.47 24.61
CA LEU C 39 -27.67 25.83 25.63
C LEU C 39 -26.84 25.23 26.74
N VAL C 40 -25.66 24.70 26.44
CA VAL C 40 -24.79 24.15 27.49
C VAL C 40 -24.23 25.25 28.38
N VAL C 41 -23.75 26.35 27.79
CA VAL C 41 -23.21 27.44 28.59
C VAL C 41 -24.27 28.05 29.49
N LEU C 42 -25.49 28.22 28.98
CA LEU C 42 -26.56 28.75 29.82
C LEU C 42 -26.87 27.83 31.00
N SER C 43 -26.90 26.53 30.77
CA SER C 43 -27.40 25.58 31.75
C SER C 43 -26.38 25.22 32.81
N VAL C 44 -25.12 25.05 32.44
CA VAL C 44 -24.16 24.62 33.44
C VAL C 44 -23.89 25.73 34.44
N SER C 45 -23.82 26.98 33.99
CA SER C 45 -23.53 28.12 34.86
C SER C 45 -24.54 29.22 34.56
N GLY C 46 -25.54 29.36 35.43
CA GLY C 46 -26.63 30.28 35.18
C GLY C 46 -26.16 31.69 34.93
N CYS C 47 -26.56 32.26 33.79
CA CYS C 47 -26.05 33.54 33.36
C CYS C 47 -27.06 34.17 32.40
N SER C 48 -26.66 35.16 31.75
CA SER C 48 -27.64 35.78 30.89
C SER C 48 -27.37 35.45 29.43
N PRO C 49 -28.37 35.60 28.55
CA PRO C 49 -28.13 35.28 27.14
C PRO C 49 -26.94 35.99 26.51
N GLY C 50 -26.69 37.25 26.85
CA GLY C 50 -25.56 37.95 26.27
C GLY C 50 -24.22 37.39 26.70
N MET C 51 -24.10 37.07 27.99
CA MET C 51 -22.86 36.51 28.49
C MET C 51 -22.65 35.08 28.01
N ALA C 52 -23.69 34.43 27.50
CA ALA C 52 -23.58 33.13 26.88
C ALA C 52 -23.23 33.20 25.40
N TRP C 53 -23.82 34.14 24.66
CA TRP C 53 -23.42 34.36 23.27
C TRP C 53 -22.03 34.93 23.14
N THR C 54 -21.52 35.63 24.16
CA THR C 54 -20.11 36.01 24.16
C THR C 54 -19.18 34.82 24.33
N VAL C 55 -19.50 33.91 25.23
CA VAL C 55 -18.68 32.71 25.40
C VAL C 55 -18.72 31.85 24.16
N VAL C 56 -19.88 31.66 23.54
CA VAL C 56 -19.94 30.93 22.28
C VAL C 56 -19.10 31.61 21.21
N ASN C 57 -19.20 32.93 21.08
CA ASN C 57 -18.46 33.70 20.09
C ASN C 57 -16.95 33.62 20.26
N LEU C 58 -16.47 33.58 21.50
CA LEU C 58 -15.03 33.50 21.73
C LEU C 58 -14.50 32.07 21.77
N ALA C 59 -15.35 31.08 22.05
CA ALA C 59 -14.95 29.69 21.90
C ALA C 59 -14.97 29.25 20.44
N HIS C 60 -15.79 29.87 19.61
CA HIS C 60 -15.76 29.63 18.18
C HIS C 60 -14.55 30.27 17.51
N PHE C 61 -13.84 31.15 18.20
CA PHE C 61 -12.66 31.75 17.61
C PHE C 61 -11.42 30.89 17.84
N VAL C 62 -11.24 30.40 19.06
CA VAL C 62 -10.05 29.61 19.38
C VAL C 62 -10.02 28.32 18.57
N VAL C 63 -11.15 27.62 18.53
CA VAL C 63 -11.21 26.35 17.81
C VAL C 63 -11.04 26.56 16.30
N THR C 64 -11.80 27.48 15.74
CA THR C 64 -11.74 27.76 14.32
C THR C 64 -10.41 28.31 13.85
N TYR C 65 -9.79 29.23 14.59
CA TYR C 65 -8.52 29.77 14.12
C TYR C 65 -7.44 28.71 14.13
N HIS C 66 -7.35 27.90 15.19
CA HIS C 66 -6.35 26.84 15.25
C HIS C 66 -6.60 25.76 14.21
N SER C 67 -7.85 25.39 13.96
CA SER C 67 -8.12 24.34 12.99
C SER C 67 -7.99 24.80 11.55
N PHE C 68 -8.41 26.02 11.23
CA PHE C 68 -8.45 26.47 9.85
C PHE C 68 -7.21 27.23 9.41
N HIS C 69 -6.57 27.97 10.30
CA HIS C 69 -5.57 28.95 9.89
C HIS C 69 -4.21 28.76 10.55
N TRP C 70 -4.03 27.73 11.37
CA TRP C 70 -2.75 27.53 12.04
C TRP C 70 -2.08 26.22 11.63
N MET C 71 -2.76 25.09 11.77
CA MET C 71 -2.14 23.81 11.44
C MET C 71 -1.91 23.70 9.94
N LYS C 72 -0.79 23.09 9.56
CA LYS C 72 -0.41 22.89 8.18
C LYS C 72 -0.20 21.41 7.91
N GLY C 73 -0.53 20.99 6.70
CA GLY C 73 -0.44 19.59 6.37
C GLY C 73 -1.75 18.86 6.55
N THR C 74 -1.67 17.53 6.49
CA THR C 74 -2.80 16.65 6.68
C THR C 74 -2.45 15.56 7.67
N PRO C 75 -3.44 14.99 8.37
CA PRO C 75 -3.16 13.89 9.28
C PRO C 75 -3.04 12.53 8.59
N PHE C 76 -3.14 12.51 7.28
CA PHE C 76 -3.07 11.29 6.49
C PHE C 76 -1.77 11.29 5.72
N ALA C 77 -0.99 10.22 5.83
CA ALA C 77 0.40 10.24 5.40
C ALA C 77 0.60 9.62 4.01
N ASP C 78 -0.47 9.12 3.40
CA ASP C 78 -0.39 8.54 2.06
C ASP C 78 0.10 9.60 1.10
N ASP C 79 -0.47 10.79 1.20
CA ASP C 79 0.00 11.89 0.37
C ASP C 79 1.25 12.52 0.99
N GLN C 80 2.42 12.10 0.54
CA GLN C 80 3.64 12.11 1.32
C GLN C 80 3.77 13.44 2.07
N GLY C 81 3.99 14.56 1.41
CA GLY C 81 3.96 15.80 2.13
C GLY C 81 3.45 16.93 1.29
N ILE C 82 2.65 16.58 0.28
CA ILE C 82 2.34 17.50 -0.81
C ILE C 82 1.69 18.77 -0.33
N TYR C 83 1.12 18.76 0.88
CA TYR C 83 0.46 19.93 1.43
C TYR C 83 1.12 20.41 2.72
N ASN C 84 2.41 20.18 2.88
CA ASN C 84 3.09 20.58 4.10
C ASN C 84 3.05 22.08 4.34
N GLY C 85 3.01 22.88 3.28
CA GLY C 85 3.07 24.31 3.48
C GLY C 85 1.73 25.02 3.42
N LEU C 86 0.63 24.29 3.53
CA LEU C 86 -0.70 24.86 3.39
C LEU C 86 -1.53 24.60 4.63
N THR C 87 -2.31 25.60 5.03
CA THR C 87 -3.30 25.43 6.08
C THR C 87 -4.55 24.79 5.51
N TRP C 88 -5.47 24.43 6.40
CA TRP C 88 -6.71 23.79 5.95
C TRP C 88 -7.51 24.73 5.05
N TRP C 89 -7.51 26.03 5.35
CA TRP C 89 -8.25 26.99 4.54
C TRP C 89 -7.69 27.10 3.13
N GLU C 90 -6.37 27.02 2.99
CA GLU C 90 -5.74 27.11 1.67
C GLU C 90 -5.85 25.83 0.88
N GLN C 91 -6.14 24.70 1.52
CA GLN C 91 -6.32 23.46 0.79
C GLN C 91 -7.74 23.31 0.29
N MET C 92 -8.67 24.16 0.73
CA MET C 92 -10.07 23.98 0.44
C MET C 92 -10.38 24.26 -1.02
N ASP C 93 -11.17 23.38 -1.63
CA ASP C 93 -11.61 23.53 -3.02
C ASP C 93 -10.44 23.65 -3.98
N ASN C 94 -9.32 23.00 -3.64
CA ASN C 94 -8.13 22.97 -4.47
C ASN C 94 -7.47 24.34 -4.60
N GLY C 95 -7.85 25.29 -3.75
CA GLY C 95 -7.31 26.61 -3.79
C GLY C 95 -8.15 27.63 -4.52
N GLN C 96 -9.27 27.21 -5.12
CA GLN C 96 -10.12 28.15 -5.84
C GLN C 96 -10.86 29.06 -4.87
N GLN C 97 -10.98 30.34 -5.24
CA GLN C 97 -11.48 31.34 -4.32
C GLN C 97 -12.95 31.64 -4.54
N LEU C 98 -13.59 32.11 -3.47
CA LEU C 98 -14.97 32.59 -3.46
C LEU C 98 -15.93 31.57 -4.06
N THR C 99 -15.89 30.36 -3.52
CA THR C 99 -16.84 29.34 -3.88
C THR C 99 -18.01 29.38 -2.90
N ARG C 100 -18.92 28.41 -3.01
CA ARG C 100 -20.08 28.38 -2.13
C ARG C 100 -19.68 28.12 -0.69
N ASN C 101 -18.87 27.09 -0.44
CA ASN C 101 -18.52 26.74 0.93
C ASN C 101 -17.64 27.80 1.58
N ARG C 102 -16.75 28.42 0.81
CA ARG C 102 -15.97 29.54 1.32
C ARG C 102 -16.83 30.72 1.71
N LYS C 103 -17.84 31.06 0.92
CA LYS C 103 -18.76 32.13 1.29
C LYS C 103 -19.53 31.81 2.56
N PHE C 104 -20.00 30.57 2.69
CA PHE C 104 -20.68 30.20 3.92
C PHE C 104 -19.75 30.29 5.12
N LEU C 105 -18.55 29.77 5.02
CA LEU C 105 -17.62 29.83 6.13
C LEU C 105 -17.18 31.25 6.45
N THR C 106 -17.25 32.16 5.48
CA THR C 106 -16.95 33.56 5.76
C THR C 106 -18.09 34.29 6.47
N LEU C 107 -19.35 33.99 6.13
CA LEU C 107 -20.43 34.77 6.71
C LEU C 107 -20.93 34.24 8.04
N VAL C 108 -20.28 33.21 8.59
CA VAL C 108 -20.72 32.66 9.87
C VAL C 108 -20.22 33.51 11.04
N PRO C 109 -18.93 33.83 11.14
CA PRO C 109 -18.50 34.74 12.20
C PRO C 109 -19.14 36.13 12.13
N VAL C 110 -19.42 36.65 10.95
CA VAL C 110 -20.11 37.95 10.88
C VAL C 110 -21.50 37.87 11.49
N VAL C 111 -22.29 36.85 11.14
CA VAL C 111 -23.60 36.70 11.74
C VAL C 111 -23.50 36.43 13.24
N LEU C 112 -22.51 35.68 13.67
CA LEU C 112 -22.38 35.36 15.07
C LEU C 112 -21.93 36.55 15.91
N TYR C 113 -21.32 37.55 15.28
CA TYR C 113 -20.93 38.80 15.93
C TYR C 113 -22.11 39.72 16.23
N LEU C 114 -23.04 39.89 15.29
CA LEU C 114 -24.22 40.70 15.51
C LEU C 114 -25.08 40.16 16.65
N ILE C 115 -25.23 38.84 16.74
CA ILE C 115 -26.00 38.26 17.82
C ILE C 115 -25.37 38.54 19.17
N ALA C 116 -24.05 38.46 19.26
CA ALA C 116 -23.35 38.69 20.51
C ALA C 116 -23.26 40.16 20.87
N SER C 117 -23.43 41.06 19.91
CA SER C 117 -23.44 42.48 20.22
C SER C 117 -24.80 43.03 20.56
N HIS C 118 -25.83 42.70 19.78
CA HIS C 118 -27.16 43.24 20.06
C HIS C 118 -27.75 42.71 21.36
N THR C 119 -27.32 41.54 21.83
CA THR C 119 -27.80 40.98 23.08
C THR C 119 -27.00 41.45 24.29
N THR C 120 -25.83 42.05 24.09
CA THR C 120 -25.04 42.56 25.19
C THR C 120 -25.13 44.08 25.30
N ASP C 121 -26.02 44.70 24.52
CA ASP C 121 -26.27 46.14 24.57
C ASP C 121 -25.00 46.95 24.28
N TYR C 122 -24.05 46.33 23.59
CA TYR C 122 -22.88 47.01 23.08
C TYR C 122 -22.01 47.56 24.22
N ARG C 123 -22.08 46.89 25.36
CA ARG C 123 -21.22 47.23 26.49
C ARG C 123 -19.76 47.01 26.13
N HIS C 124 -18.89 47.89 26.59
CA HIS C 124 -17.48 47.85 26.20
C HIS C 124 -16.57 46.74 26.71
N PRO C 125 -16.71 46.34 27.97
CA PRO C 125 -15.75 45.31 28.39
C PRO C 125 -15.63 44.16 27.40
N TRP C 126 -16.73 43.75 26.77
CA TRP C 126 -16.75 42.65 25.83
C TRP C 126 -16.68 43.08 24.38
N LEU C 127 -17.05 44.33 24.07
CA LEU C 127 -17.09 44.77 22.69
C LEU C 127 -15.71 44.77 22.05
N PHE C 128 -14.67 45.10 22.81
CA PHE C 128 -13.31 45.05 22.29
C PHE C 128 -12.94 43.65 21.82
N LEU C 129 -13.13 42.66 22.69
CA LEU C 129 -12.81 41.28 22.34
C LEU C 129 -13.67 40.78 21.18
N ASN C 130 -14.96 41.07 21.24
CA ASN C 130 -15.87 40.53 20.23
C ASN C 130 -15.63 41.15 18.87
N THR C 131 -15.08 42.37 18.82
CA THR C 131 -14.73 42.97 17.54
C THR C 131 -13.36 42.52 17.05
N LEU C 132 -12.41 42.33 17.97
CA LEU C 132 -11.08 41.85 17.59
C LEU C 132 -11.15 40.46 16.99
N ALA C 133 -11.94 39.57 17.60
CA ALA C 133 -12.09 38.22 17.08
C ALA C 133 -12.59 38.25 15.65
N VAL C 134 -13.63 39.05 15.39
CA VAL C 134 -14.25 39.06 14.08
C VAL C 134 -13.31 39.63 13.05
N MET C 135 -12.60 40.71 13.39
CA MET C 135 -11.70 41.29 12.41
C MET C 135 -10.56 40.33 12.06
N VAL C 136 -9.95 39.70 13.07
CA VAL C 136 -8.91 38.71 12.77
C VAL C 136 -9.44 37.55 11.94
N LEU C 137 -10.61 37.02 12.27
CA LEU C 137 -11.17 35.90 11.54
C LEU C 137 -11.54 36.23 10.11
N VAL C 138 -12.09 37.42 9.86
CA VAL C 138 -12.45 37.81 8.50
C VAL C 138 -11.23 38.18 7.66
N VAL C 139 -10.22 38.82 8.24
CA VAL C 139 -9.03 39.16 7.47
C VAL C 139 -8.26 37.94 6.96
N ALA C 140 -8.13 36.89 7.76
CA ALA C 140 -7.43 35.70 7.33
C ALA C 140 -8.12 35.00 6.16
N LYS C 141 -9.39 35.32 5.88
CA LYS C 141 -10.13 34.68 4.81
C LYS C 141 -10.23 35.55 3.56
N PHE C 142 -9.42 36.61 3.45
CA PHE C 142 -9.45 37.40 2.22
C PHE C 142 -8.83 36.64 1.05
N PRO C 143 -9.35 36.82 -0.16
CA PRO C 143 -8.75 36.16 -1.32
C PRO C 143 -7.32 36.54 -1.60
N ASN C 144 -6.89 37.75 -1.24
CA ASN C 144 -5.53 38.18 -1.50
C ASN C 144 -4.56 37.81 -0.39
N MET C 145 -5.04 37.12 0.64
CA MET C 145 -4.24 36.76 1.79
C MET C 145 -3.79 35.31 1.68
N HIS C 146 -3.74 34.79 0.46
CA HIS C 146 -3.47 33.39 0.20
C HIS C 146 -1.98 33.10 0.22
N LYS C 147 -1.57 32.10 1.01
CA LYS C 147 -0.20 31.63 1.11
C LYS C 147 0.77 32.70 1.61
N VAL C 148 0.31 33.69 2.38
CA VAL C 148 1.17 34.76 2.88
C VAL C 148 1.20 34.69 4.40
N ARG C 149 2.41 34.74 4.95
CA ARG C 149 2.65 34.75 6.39
C ARG C 149 3.20 36.10 6.79
N ILE C 150 2.77 36.58 7.96
CA ILE C 150 3.16 37.91 8.44
C ILE C 150 4.44 37.80 9.23
N PHE C 151 5.51 38.40 8.70
CA PHE C 151 6.79 38.51 9.39
C PHE C 151 7.45 37.15 9.58
N GLY C 152 7.02 36.16 8.79
CA GLY C 152 7.60 34.83 8.81
C GLY C 152 7.03 33.88 9.85
N ILE C 153 6.09 34.32 10.68
CA ILE C 153 5.51 33.42 11.68
C ILE C 153 4.72 32.33 10.98
N ASN C 154 4.90 31.09 11.43
CA ASN C 154 4.28 29.92 10.81
C ASN C 154 4.65 29.83 9.32
N GLY C 155 5.90 30.15 9.02
CA GLY C 155 6.34 30.16 7.64
C GLY C 155 7.18 28.96 7.27
N ASP C 156 7.52 28.15 8.26
CA ASP C 156 8.36 26.97 8.06
C ASP C 156 8.27 26.02 9.25
N GLY D 36 -25.76 54.73 15.94
CA GLY D 36 -24.61 54.01 16.46
C GLY D 36 -24.86 52.53 16.65
N HIS D 37 -25.95 52.21 17.34
CA HIS D 37 -26.30 50.82 17.60
C HIS D 37 -27.01 50.16 16.44
N PHE D 38 -27.29 50.90 15.36
CA PHE D 38 -28.00 50.37 14.22
C PHE D 38 -27.42 50.85 12.89
N PHE D 39 -26.31 51.59 12.92
CA PHE D 39 -25.62 51.96 11.70
C PHE D 39 -24.53 50.95 11.33
N VAL D 40 -23.86 50.38 12.33
CA VAL D 40 -22.89 49.32 12.06
C VAL D 40 -23.56 48.09 11.48
N GLU D 41 -24.79 47.80 11.91
CA GLU D 41 -25.52 46.67 11.35
C GLU D 41 -25.76 46.86 9.87
N GLY D 42 -26.15 48.07 9.45
CA GLY D 42 -26.28 48.36 8.03
C GLY D 42 -24.95 48.34 7.29
N LEU D 43 -23.90 48.87 7.91
CA LEU D 43 -22.57 48.80 7.31
C LEU D 43 -22.19 47.36 6.99
N LEU D 44 -22.37 46.45 7.95
CA LEU D 44 -22.04 45.06 7.73
C LEU D 44 -22.98 44.38 6.75
N GLY D 45 -24.28 44.71 6.78
CA GLY D 45 -25.20 44.18 5.80
C GLY D 45 -24.86 44.57 4.37
N VAL D 46 -24.20 45.71 4.19
CA VAL D 46 -23.75 46.10 2.87
C VAL D 46 -22.60 45.22 2.38
N VAL D 47 -21.58 44.99 3.22
CA VAL D 47 -20.46 44.18 2.78
C VAL D 47 -20.90 42.73 2.57
N ILE D 48 -21.92 42.28 3.31
CA ILE D 48 -22.45 40.94 3.09
C ILE D 48 -22.97 40.79 1.66
N ILE D 49 -23.80 41.73 1.22
CA ILE D 49 -24.39 41.59 -0.11
C ILE D 49 -23.37 41.90 -1.20
N ILE D 50 -22.33 42.66 -0.87
CA ILE D 50 -21.22 42.74 -1.82
C ILE D 50 -20.51 41.42 -1.97
N LEU D 51 -20.21 40.73 -0.87
CA LEU D 51 -19.50 39.46 -0.93
C LEU D 51 -20.30 38.36 -1.61
N LEU D 52 -21.60 38.26 -1.31
CA LEU D 52 -22.36 37.08 -1.71
C LEU D 52 -22.79 37.13 -3.15
N THR D 53 -22.16 37.98 -3.96
CA THR D 53 -22.49 38.10 -5.37
C THR D 53 -21.31 37.87 -6.28
N ARG D 54 -20.08 37.82 -5.77
CA ARG D 54 -18.89 37.71 -6.58
C ARG D 54 -18.85 36.34 -7.25
N LYS D 55 -18.10 36.27 -8.35
CA LYS D 55 -17.99 35.04 -9.11
C LYS D 55 -16.66 34.35 -8.79
N SER D 56 -16.71 33.03 -8.63
CA SER D 56 -15.52 32.28 -8.25
C SER D 56 -14.50 32.28 -9.37
N TYR D 57 -13.24 32.11 -9.00
CA TYR D 57 -12.14 32.15 -9.96
C TYR D 57 -10.96 31.41 -9.37
N LYS D 58 -10.01 31.07 -10.23
CA LYS D 58 -8.80 30.48 -9.70
C LYS D 58 -7.57 31.29 -10.10
N PRO D 59 -6.52 31.27 -9.28
CA PRO D 59 -5.36 32.12 -9.57
C PRO D 59 -4.65 31.67 -10.84
N PRO D 60 -3.89 32.55 -11.47
CA PRO D 60 -3.18 32.18 -12.71
C PRO D 60 -1.94 31.34 -12.42
N LYS D 61 -1.32 30.90 -13.51
CA LYS D 61 -0.07 30.14 -13.44
C LYS D 61 1.13 31.08 -13.51
N ARG D 62 2.30 30.55 -13.83
CA ARG D 62 3.50 31.36 -13.95
C ARG D 62 3.69 31.89 -15.38
N MET E 22 -32.80 -8.32 27.78
CA MET E 22 -32.77 -6.93 27.36
C MET E 22 -34.17 -6.45 27.02
N ASN E 23 -34.74 -5.61 27.88
CA ASN E 23 -36.07 -5.07 27.69
C ASN E 23 -36.02 -3.72 26.98
N TRP E 24 -37.21 -3.12 26.83
CA TRP E 24 -37.37 -1.98 25.94
C TRP E 24 -36.43 -0.83 26.28
N VAL E 25 -36.39 -0.44 27.55
CA VAL E 25 -35.55 0.69 27.96
C VAL E 25 -34.08 0.34 27.80
N GLN E 26 -33.69 -0.86 28.23
CA GLN E 26 -32.30 -1.27 28.13
C GLN E 26 -31.85 -1.38 26.68
N ARG E 27 -32.83 -1.50 25.79
CA ARG E 27 -32.57 -1.61 24.36
C ARG E 27 -32.40 -0.23 23.74
N LYS E 28 -33.31 0.68 24.05
CA LYS E 28 -33.22 2.04 23.54
C LYS E 28 -31.97 2.76 24.06
N ILE E 29 -31.53 2.45 25.27
CA ILE E 29 -30.27 3.00 25.74
C ILE E 29 -29.10 2.51 24.89
N TYR E 30 -29.09 1.22 24.55
CA TYR E 30 -28.06 0.68 23.67
C TYR E 30 -28.06 1.38 22.33
N LEU E 31 -29.24 1.61 21.77
CA LEU E 31 -29.32 2.32 20.50
C LEU E 31 -28.75 3.73 20.59
N TYR E 32 -29.05 4.44 21.68
CA TYR E 32 -28.51 5.79 21.87
C TYR E 32 -26.99 5.78 21.94
N ASN E 33 -26.43 4.79 22.65
CA ASN E 33 -24.98 4.69 22.80
C ASN E 33 -24.25 4.56 21.47
N VAL E 34 -24.75 3.73 20.55
CA VAL E 34 -24.06 3.57 19.28
C VAL E 34 -24.43 4.66 18.28
N THR E 35 -25.59 5.30 18.43
CA THR E 35 -25.94 6.39 17.55
C THR E 35 -25.13 7.65 17.81
N PHE E 36 -24.76 7.94 19.05
CA PHE E 36 -24.02 9.17 19.29
C PHE E 36 -22.55 8.96 19.61
N GLY E 37 -22.03 7.75 19.46
CA GLY E 37 -20.61 7.53 19.59
C GLY E 37 -20.15 7.20 20.98
N LEU E 38 -21.06 7.12 21.94
CA LEU E 38 -20.68 6.85 23.33
C LEU E 38 -20.16 5.43 23.51
N TYR E 39 -20.50 4.54 22.59
CA TYR E 39 -20.15 3.13 22.75
C TYR E 39 -18.65 2.89 22.68
N MET E 40 -17.92 3.67 21.89
CA MET E 40 -16.51 3.43 21.65
C MET E 40 -15.62 4.43 22.36
N LEU E 41 -16.04 4.89 23.53
CA LEU E 41 -15.31 5.82 24.37
C LEU E 41 -14.95 5.14 25.68
N ASP E 42 -14.11 5.80 26.48
CA ASP E 42 -13.73 5.32 27.79
C ASP E 42 -14.81 5.63 28.81
N TRP E 43 -14.72 4.99 29.98
CA TRP E 43 -15.79 5.15 30.97
C TRP E 43 -15.92 6.58 31.45
N TRP E 44 -14.81 7.26 31.73
CA TRP E 44 -14.88 8.64 32.18
C TRP E 44 -15.25 9.61 31.07
N GLU E 45 -14.86 9.33 29.83
CA GLU E 45 -15.23 10.22 28.74
C GLU E 45 -16.74 10.24 28.54
N ARG E 46 -17.38 9.08 28.68
CA ARG E 46 -18.83 9.05 28.52
C ARG E 46 -19.51 9.55 29.79
N TYR E 47 -18.87 9.32 30.94
CA TYR E 47 -19.40 9.89 32.17
C TYR E 47 -19.45 11.41 32.15
N LEU E 48 -18.44 12.05 31.56
CA LEU E 48 -18.40 13.51 31.47
C LEU E 48 -19.42 14.05 30.47
N PHE E 49 -19.99 13.20 29.63
CA PHE E 49 -20.97 13.62 28.65
C PHE E 49 -22.39 13.30 29.06
N ASN E 50 -22.63 12.13 29.64
CA ASN E 50 -23.98 11.80 30.07
C ASN E 50 -24.47 12.71 31.17
N SER E 51 -23.60 13.08 32.12
CA SER E 51 -23.99 14.01 33.17
C SER E 51 -24.21 15.41 32.64
N LEU E 52 -23.40 15.84 31.68
CA LEU E 52 -23.56 17.15 31.07
C LEU E 52 -24.83 17.25 30.25
N VAL E 53 -25.31 16.14 29.70
CA VAL E 53 -26.63 16.09 29.06
C VAL E 53 -27.78 16.13 30.07
N VAL E 54 -27.67 15.43 31.19
CA VAL E 54 -28.66 15.51 32.25
C VAL E 54 -28.78 16.92 32.81
N VAL E 55 -27.66 17.62 33.00
CA VAL E 55 -27.73 19.00 33.44
C VAL E 55 -28.51 19.88 32.46
N LEU E 56 -28.32 19.67 31.16
CA LEU E 56 -29.05 20.40 30.13
C LEU E 56 -30.52 20.05 30.10
N MET E 57 -30.89 18.82 30.45
CA MET E 57 -32.30 18.43 30.37
C MET E 57 -33.16 19.07 31.45
N TRP E 58 -32.70 19.06 32.70
CA TRP E 58 -33.50 19.66 33.76
C TRP E 58 -33.67 21.15 33.55
N PHE E 59 -32.68 21.81 32.95
CA PHE E 59 -32.81 23.24 32.67
C PHE E 59 -33.98 23.52 31.76
N VAL E 60 -34.10 22.78 30.66
CA VAL E 60 -35.24 22.94 29.76
C VAL E 60 -36.56 22.50 30.39
N LEU E 61 -36.57 21.39 31.13
CA LEU E 61 -37.81 20.96 31.75
C LEU E 61 -38.22 21.82 32.94
N TYR E 62 -37.36 22.72 33.41
CA TYR E 62 -37.72 23.60 34.51
C TYR E 62 -37.92 25.05 34.10
N ASN E 63 -37.36 25.51 32.98
CA ASN E 63 -37.68 26.83 32.46
C ASN E 63 -38.76 26.76 31.39
N GLY E 64 -39.63 25.76 31.46
CA GLY E 64 -40.80 25.69 30.61
C GLY E 64 -42.06 25.53 31.44
N THR E 65 -41.90 25.20 32.72
CA THR E 65 -43.02 25.10 33.64
C THR E 65 -43.25 26.38 34.44
N ARG E 66 -42.25 27.24 34.55
CA ARG E 66 -42.39 28.51 35.24
C ARG E 66 -42.22 29.69 34.30
N TYR E 67 -41.19 29.67 33.45
CA TYR E 67 -40.93 30.80 32.57
C TYR E 67 -42.10 31.04 31.62
N PHE E 68 -42.63 29.98 31.02
CA PHE E 68 -43.83 30.08 30.19
C PHE E 68 -45.06 29.66 30.98
N SER E 69 -45.31 30.36 32.08
CA SER E 69 -46.47 30.10 32.91
C SER E 69 -46.75 31.30 33.82
N PLS F . -6.20 -6.01 -2.69
CA PLS F . -6.45 -6.56 -1.37
CB PLS F . -5.13 -6.85 -0.67
OG PLS F . -4.78 -8.23 -0.86
C PLS F . -7.27 -5.64 -0.52
O PLS F . -8.51 -5.70 -0.60
OXT PLS F . -6.67 -4.84 0.23
N1 PLS F . -4.86 -5.10 -7.44
C2 PLS F . -6.20 -4.88 -7.33
C2A PLS F . -6.93 -4.15 -8.42
C3 PLS F . -6.93 -5.37 -6.14
O3 PLS F . -8.28 -5.16 -6.01
C4 PLS F . -6.16 -6.08 -5.10
C4A PLS F . -6.83 -6.60 -3.85
C5 PLS F . -4.71 -6.26 -5.34
C6 PLS F . -4.14 -5.75 -6.51
C5A PLS F . -3.85 -6.98 -4.33
O4P PLS F . -2.99 -7.89 -5.00
P PLS F . -2.37 -9.15 -4.21
O1P PLS F . -1.65 -9.94 -5.29
O2P PLS F . -3.58 -9.84 -3.63
O3P PLS F . -1.45 -8.53 -3.19
C1 Z1T G . -18.85 17.68 20.77
N1 Z1T G . -8.12 17.95 9.91
O1 Z1T G . -7.13 21.26 11.11
C2 Z1T G . -19.65 18.29 19.62
O2 Z1T G . -5.52 19.24 9.52
C3 Z1T G . -18.72 19.07 18.68
C4 Z1T G . -17.45 19.48 19.43
C5 Z1T G . -16.80 20.66 18.71
C6 Z1T G . -15.53 20.18 18.02
C7 Z1T G . -15.80 20.04 16.53
C8 Z1T G . -14.83 20.94 15.76
C9 Z1T G . -14.83 20.54 14.29
C10 Z1T G . -13.39 20.52 13.80
C11 Z1T G . -13.35 20.82 12.31
C12 Z1T G . -11.96 20.48 11.75
C13 Z1T G . -11.81 21.14 10.39
C14 Z1T G . -10.39 20.92 9.89
C15 Z1T G . -9.40 20.52 10.97
C16 Z1T G . -7.96 20.31 10.47
C17 Z1T G . -7.52 18.90 10.85
C18 Z1T G . -6.00 18.80 10.79
O3 Z1T G . -8.17 16.21 11.35
C19 Z1T G . -8.40 16.69 10.24
C20 Z1T G . -9.04 15.87 9.13
C21 Z1T G . -10.41 16.45 8.80
C22 Z1T G . -11.48 15.63 9.52
C23 Z1T G . -12.29 16.54 10.44
C24 Z1T G . -13.75 16.09 10.43
C25 Z1T G . -14.13 15.52 11.78
C26 Z1T G . -15.03 16.50 12.53
C27 Z1T G . -16.34 16.66 11.78
C28 Z1T G . -17.19 17.70 12.52
C29 Z1T G . -18.51 17.92 11.79
C30 Z1T G . -18.38 19.11 10.85
C31 Z1T G . -19.34 20.22 11.29
C32 Z1T G . -18.56 21.26 12.09
C33 Z1T G . -17.79 22.16 11.14
C34 Z1T G . -16.91 23.12 11.95
C35 Z1T G . -17.58 23.40 13.30
C36 Z1T G . -16.71 24.33 14.13
C37 Z1T G . -16.94 24.03 15.61
C38 Z1T G . -17.70 25.18 16.26
C39 Z1T G . -17.01 25.58 17.55
C40 Z1T G . -17.81 25.06 18.74
C41 Z1T G . -17.64 26.02 19.93
C42 Z1T G . -19.02 26.47 20.41
#